data_8PL9
#
_entry.id   8PL9
#
_cell.length_a   62.270
_cell.length_b   103.390
_cell.length_c   133.390
_cell.angle_alpha   90.000
_cell.angle_beta   91.920
_cell.angle_gamma   90.000
#
_symmetry.space_group_name_H-M   'P 1 21 1'
#
loop_
_entity.id
_entity.type
_entity.pdbx_description
1 polymer 'Thioredoxin glutathione reductase'
2 non-polymer 'FLAVIN-ADENINE DINUCLEOTIDE'
3 non-polymer 4-[(furan-2-yl)methyl]-1lambda~6~,4-thiazinane-1,1-dione
4 water water
#
_entity_poly.entity_id   1
_entity_poly.type   'polypeptide(L)'
_entity_poly.pdbx_seq_one_letter_code
;GPPPADGTSQWLRKTVDSAAVILFSKTTCPYCKKVKDVLAEAKIKHATIELDQLSNGSAIQKCLASFSKIETVPQMFVRG
KFIGDSQTVLKYYSNDELAGIVNESKYDYDLIVIGGGSGGLAAGKEAAKYGAKTAVLDYVEPTPIGTTWGLGGTCVNVGC
IPKKLMHQAGLLSHALEDAEHFGWSLDRSKISHNWSTMVEGVQSHIGSLNWGYKVALRDNQVTYLNAKGRLISPHEVQIT
DKNQKVSTITGNKIILATGERPKYPEIPGAVEYGITSDDLFSLPYFPGKTLVIGASYVALECAGFLASLGGDVTVMVRSI
LLRGFDQQMAEKVGDYMENHGVKFAKLCVPDEIKQLKVVDTENNKPGLLLVKGHYTDGKKFEEEFETVIFAVGREPQLSK
VLCETVGVKLDKNGRVVCTDDEQTTVSNVYAIGDINAGKPQLTPVAIQAGRYLARRLFAGATELTDYSNVATTVFTPLEY
GACGLSEEDAIEKYGDKDIEVYHSNFKPLEWTVAHREDNVCYMKLVCRKSDNMRVLGLHVLGPNAGEITQGYAVAIKMGA
TKADFDRTIGIHPTCSETFTTLHVTKKSGVSPIVSGC
;
_entity_poly.pdbx_strand_id   A,B
#
# COMPACT_ATOMS: atom_id res chain seq x y z
N GLY A 7 6.59 -21.95 -35.92
CA GLY A 7 6.36 -21.55 -34.55
C GLY A 7 7.59 -21.73 -33.67
N THR A 8 7.78 -22.97 -33.20
CA THR A 8 9.03 -23.32 -32.53
C THR A 8 10.23 -23.09 -33.44
N SER A 9 10.09 -23.42 -34.72
CA SER A 9 11.18 -23.27 -35.67
C SER A 9 11.64 -21.81 -35.80
N GLN A 10 10.70 -20.87 -35.89
CA GLN A 10 11.11 -19.48 -36.07
C GLN A 10 11.69 -18.89 -34.78
N TRP A 11 11.24 -19.37 -33.62
CA TRP A 11 11.82 -18.93 -32.36
C TRP A 11 13.27 -19.37 -32.25
N LEU A 12 13.54 -20.62 -32.60
CA LEU A 12 14.90 -21.14 -32.47
C LEU A 12 15.88 -20.39 -33.35
N ARG A 13 15.48 -20.13 -34.60
CA ARG A 13 16.35 -19.36 -35.49
C ARG A 13 16.58 -17.95 -34.97
N LYS A 14 15.54 -17.28 -34.48
CA LYS A 14 15.75 -15.95 -33.93
C LYS A 14 16.71 -16.01 -32.74
N THR A 15 16.51 -16.98 -31.84
CA THR A 15 17.34 -17.10 -30.65
C THR A 15 18.80 -17.40 -30.99
N VAL A 16 19.05 -18.37 -31.87
CA VAL A 16 20.44 -18.71 -32.23
C VAL A 16 21.14 -17.54 -32.92
N ASP A 17 20.40 -16.80 -33.76
CA ASP A 17 21.04 -15.76 -34.58
C ASP A 17 21.52 -14.59 -33.74
N SER A 18 20.80 -14.21 -32.68
CA SER A 18 21.23 -13.01 -31.97
C SER A 18 21.88 -13.24 -30.61
N ALA A 19 21.72 -14.42 -30.00
CA ALA A 19 22.48 -14.72 -28.78
C ALA A 19 23.98 -14.65 -29.03
N ALA A 20 24.72 -14.12 -28.05
CA ALA A 20 26.18 -14.00 -28.19
C ALA A 20 26.91 -15.31 -27.85
N VAL A 21 26.60 -15.91 -26.70
CA VAL A 21 27.09 -17.24 -26.32
C VAL A 21 25.93 -17.93 -25.59
N ILE A 22 25.50 -19.09 -26.09
CA ILE A 22 24.32 -19.77 -25.54
C ILE A 22 24.52 -21.29 -25.56
N LEU A 23 24.14 -21.94 -24.47
CA LEU A 23 24.28 -23.39 -24.30
C LEU A 23 22.90 -24.03 -24.24
N PHE A 24 22.70 -25.09 -25.02
CA PHE A 24 21.48 -25.88 -24.96
C PHE A 24 21.76 -27.13 -24.14
N SER A 25 20.90 -27.43 -23.18
CA SER A 25 21.30 -28.31 -22.09
C SER A 25 20.08 -29.02 -21.50
N LYS A 26 20.37 -30.00 -20.63
CA LYS A 26 19.38 -30.57 -19.71
C LYS A 26 19.98 -30.69 -18.32
N THR A 27 19.12 -30.49 -17.31
CA THR A 27 19.57 -30.38 -15.92
C THR A 27 20.25 -31.67 -15.44
N THR A 28 19.87 -32.81 -16.01
CA THR A 28 20.27 -34.13 -15.55
C THR A 28 21.42 -34.74 -16.35
N CYS A 29 22.05 -33.97 -17.24
CA CYS A 29 23.04 -34.49 -18.16
C CYS A 29 24.44 -34.20 -17.63
N PRO A 30 25.23 -35.22 -17.26
CA PRO A 30 26.59 -34.95 -16.77
C PRO A 30 27.53 -34.42 -17.84
N TYR A 31 27.25 -34.65 -19.13
CA TYR A 31 28.07 -34.03 -20.16
C TYR A 31 27.83 -32.52 -20.21
N CYS A 32 26.58 -32.09 -20.01
CA CYS A 32 26.29 -30.67 -19.95
C CYS A 32 26.95 -30.03 -18.74
N LYS A 33 26.92 -30.71 -17.59
CA LYS A 33 27.62 -30.24 -16.39
C LYS A 33 29.10 -30.02 -16.66
N LYS A 34 29.74 -30.94 -17.38
CA LYS A 34 31.17 -30.80 -17.67
C LYS A 34 31.45 -29.58 -18.56
N VAL A 35 30.55 -29.27 -19.50
CA VAL A 35 30.76 -28.07 -20.30
C VAL A 35 30.54 -26.82 -19.45
N LYS A 36 29.48 -26.82 -18.63
CA LYS A 36 29.23 -25.68 -17.74
C LYS A 36 30.44 -25.37 -16.89
N ASP A 37 31.08 -26.41 -16.35
CA ASP A 37 32.25 -26.25 -15.49
C ASP A 37 33.42 -25.62 -16.24
N VAL A 38 33.68 -26.07 -17.47
CA VAL A 38 34.75 -25.50 -18.27
C VAL A 38 34.48 -24.02 -18.56
N LEU A 39 33.26 -23.69 -19.00
CA LEU A 39 32.93 -22.29 -19.27
C LEU A 39 33.07 -21.42 -18.01
N ALA A 40 32.61 -21.93 -16.87
CA ALA A 40 32.79 -21.21 -15.61
C ALA A 40 34.27 -20.97 -15.32
N GLU A 41 35.10 -22.01 -15.41
CA GLU A 41 36.50 -21.87 -15.03
C GLU A 41 37.22 -20.88 -15.93
N ALA A 42 36.91 -20.89 -17.22
CA ALA A 42 37.51 -19.96 -18.16
C ALA A 42 36.92 -18.55 -18.08
N LYS A 43 35.92 -18.33 -17.20
CA LYS A 43 35.25 -17.04 -17.05
C LYS A 43 34.52 -16.62 -18.34
N ILE A 44 33.80 -17.59 -18.92
CA ILE A 44 32.99 -17.37 -20.11
C ILE A 44 31.53 -17.29 -19.68
N LYS A 45 30.94 -16.09 -19.77
CA LYS A 45 29.52 -15.94 -19.46
C LYS A 45 28.67 -16.32 -20.68
N HIS A 46 27.48 -16.86 -20.41
CA HIS A 46 26.62 -17.39 -21.45
C HIS A 46 25.20 -17.54 -20.94
N ALA A 47 24.26 -17.60 -21.86
CA ALA A 47 22.90 -18.01 -21.61
C ALA A 47 22.81 -19.53 -21.61
N THR A 48 21.77 -20.06 -20.96
CA THR A 48 21.54 -21.51 -20.90
C THR A 48 20.04 -21.77 -21.04
N ILE A 49 19.69 -22.69 -21.93
CA ILE A 49 18.31 -23.14 -22.10
C ILE A 49 18.26 -24.61 -21.70
N GLU A 50 17.51 -24.93 -20.64
CA GLU A 50 17.40 -26.30 -20.17
C GLU A 50 16.19 -26.96 -20.83
N LEU A 51 16.46 -27.82 -21.82
CA LEU A 51 15.37 -28.34 -22.65
C LEU A 51 14.39 -29.19 -21.86
N ASP A 52 14.87 -29.90 -20.83
CA ASP A 52 14.02 -30.78 -20.02
C ASP A 52 12.99 -30.02 -19.18
N GLN A 53 12.99 -28.69 -19.23
CA GLN A 53 12.11 -27.86 -18.42
C GLN A 53 11.13 -27.06 -19.26
N LEU A 54 11.01 -27.36 -20.55
CA LEU A 54 10.12 -26.63 -21.45
C LEU A 54 9.10 -27.60 -22.03
N SER A 55 7.89 -27.08 -22.25
CA SER A 55 6.80 -27.90 -22.79
C SER A 55 7.24 -28.65 -24.04
N ASN A 56 7.78 -27.93 -25.03
CA ASN A 56 8.17 -28.56 -26.28
C ASN A 56 9.68 -28.61 -26.44
N GLY A 57 10.39 -29.10 -25.40
CA GLY A 57 11.82 -29.36 -25.55
C GLY A 57 12.13 -30.36 -26.64
N SER A 58 11.26 -31.37 -26.83
CA SER A 58 11.48 -32.38 -27.85
C SER A 58 11.51 -31.78 -29.24
N ALA A 59 10.56 -30.92 -29.55
CA ALA A 59 10.57 -30.23 -30.84
C ALA A 59 11.83 -29.37 -30.98
N ILE A 60 12.22 -28.68 -29.90
CA ILE A 60 13.39 -27.80 -29.97
C ILE A 60 14.64 -28.62 -30.25
N GLN A 61 14.80 -29.74 -29.55
CA GLN A 61 15.97 -30.58 -29.74
C GLN A 61 16.10 -31.05 -31.19
N LYS A 62 14.97 -31.38 -31.82
CA LYS A 62 15.00 -31.78 -33.22
C LYS A 62 15.31 -30.60 -34.13
N CYS A 63 14.83 -29.41 -33.78
CA CYS A 63 15.06 -28.25 -34.64
C CYS A 63 16.52 -27.82 -34.63
N LEU A 64 17.25 -28.12 -33.54
CA LEU A 64 18.67 -27.80 -33.50
C LEU A 64 19.44 -28.45 -34.64
N ALA A 65 19.03 -29.63 -35.08
CA ALA A 65 19.79 -30.33 -36.10
C ALA A 65 19.83 -29.54 -37.41
N SER A 66 18.83 -28.70 -37.68
CA SER A 66 18.89 -27.85 -38.86
C SER A 66 20.08 -26.89 -38.81
N PHE A 67 20.69 -26.72 -37.65
CA PHE A 67 21.86 -25.86 -37.45
C PHE A 67 23.15 -26.63 -37.22
N SER A 68 23.12 -27.70 -36.42
CA SER A 68 24.32 -28.39 -36.01
C SER A 68 24.51 -29.74 -36.67
N LYS A 69 23.44 -30.30 -37.26
CA LYS A 69 23.35 -31.64 -37.81
C LYS A 69 23.40 -32.70 -36.74
N ILE A 70 23.22 -32.34 -35.46
CA ILE A 70 23.07 -33.31 -34.38
C ILE A 70 21.85 -32.94 -33.53
N GLU A 71 21.37 -33.92 -32.75
CA GLU A 71 20.13 -33.79 -31.99
C GLU A 71 20.31 -34.05 -30.49
N THR A 72 21.54 -34.03 -29.99
CA THR A 72 21.83 -34.33 -28.58
C THR A 72 22.08 -33.03 -27.81
N VAL A 73 22.30 -33.17 -26.50
CA VAL A 73 22.79 -32.08 -25.65
C VAL A 73 24.13 -32.49 -25.03
N PRO A 74 25.04 -31.54 -24.75
CA PRO A 74 24.94 -30.09 -24.97
C PRO A 74 25.24 -29.66 -26.39
N GLN A 75 24.81 -28.46 -26.76
CA GLN A 75 25.18 -27.81 -28.01
C GLN A 75 25.53 -26.35 -27.68
N MET A 76 26.76 -25.94 -28.01
CA MET A 76 27.23 -24.58 -27.80
C MET A 76 27.22 -23.76 -29.08
N PHE A 77 26.72 -22.53 -29.00
CA PHE A 77 26.70 -21.61 -30.14
C PHE A 77 27.36 -20.29 -29.76
N VAL A 78 28.09 -19.67 -30.70
CA VAL A 78 28.67 -18.34 -30.53
C VAL A 78 28.23 -17.49 -31.72
N ARG A 79 27.44 -16.45 -31.44
CA ARG A 79 27.02 -15.47 -32.45
C ARG A 79 26.52 -16.16 -33.73
N GLY A 80 25.58 -17.07 -33.55
CA GLY A 80 24.88 -17.69 -34.65
C GLY A 80 25.51 -18.95 -35.19
N LYS A 81 26.65 -19.38 -34.64
CA LYS A 81 27.47 -20.44 -35.21
C LYS A 81 27.60 -21.59 -34.22
N PHE A 82 27.25 -22.80 -34.67
CA PHE A 82 27.46 -23.99 -33.85
C PHE A 82 28.95 -24.21 -33.62
N ILE A 83 29.33 -24.38 -32.35
CA ILE A 83 30.72 -24.49 -31.96
C ILE A 83 31.11 -25.93 -31.65
N GLY A 84 30.25 -26.69 -31.00
CA GLY A 84 30.55 -28.09 -30.79
C GLY A 84 29.72 -28.70 -29.69
N ASP A 85 29.82 -30.04 -29.60
CA ASP A 85 29.28 -30.81 -28.49
C ASP A 85 30.32 -30.79 -27.36
N SER A 86 30.24 -31.73 -26.41
CA SER A 86 31.15 -31.65 -25.26
C SER A 86 32.57 -32.07 -25.63
N GLN A 87 32.72 -33.12 -26.45
CA GLN A 87 34.07 -33.52 -26.84
C GLN A 87 34.78 -32.38 -27.58
N THR A 88 34.07 -31.67 -28.47
CA THR A 88 34.69 -30.58 -29.24
C THR A 88 35.02 -29.40 -28.34
N VAL A 89 34.12 -29.03 -27.42
CA VAL A 89 34.39 -27.89 -26.55
C VAL A 89 35.62 -28.17 -25.69
N LEU A 90 35.66 -29.35 -25.05
CA LEU A 90 36.81 -29.74 -24.25
C LEU A 90 38.11 -29.69 -25.07
N LYS A 91 38.06 -30.14 -26.32
CA LYS A 91 39.22 -30.10 -27.22
C LYS A 91 39.74 -28.68 -27.36
N TYR A 92 38.85 -27.74 -27.69
CA TYR A 92 39.24 -26.33 -27.79
C TYR A 92 39.82 -25.81 -26.49
N TYR A 93 39.27 -26.24 -25.36
CA TYR A 93 39.76 -25.76 -24.08
C TYR A 93 41.18 -26.26 -23.84
N SER A 94 41.36 -27.58 -23.94
CA SER A 94 42.66 -28.20 -23.75
C SER A 94 43.71 -27.61 -24.69
N ASN A 95 43.33 -27.26 -25.91
CA ASN A 95 44.30 -26.75 -26.88
C ASN A 95 44.48 -25.24 -26.81
N ASP A 96 43.92 -24.58 -25.79
CA ASP A 96 44.07 -23.13 -25.61
C ASP A 96 43.42 -22.36 -26.76
N GLU A 97 42.36 -22.93 -27.35
CA GLU A 97 41.67 -22.32 -28.48
C GLU A 97 40.32 -21.71 -28.12
N LEU A 98 39.75 -22.05 -26.95
CA LEU A 98 38.38 -21.66 -26.61
C LEU A 98 38.22 -20.15 -26.46
N ALA A 99 39.15 -19.49 -25.76
CA ALA A 99 39.04 -18.05 -25.58
C ALA A 99 38.91 -17.31 -26.92
N GLY A 100 39.72 -17.69 -27.91
CA GLY A 100 39.73 -16.97 -29.17
C GLY A 100 38.48 -17.18 -29.99
N ILE A 101 37.85 -18.35 -29.85
CA ILE A 101 36.61 -18.65 -30.56
C ILE A 101 35.46 -17.85 -29.98
N VAL A 102 35.32 -17.82 -28.65
CA VAL A 102 34.19 -17.12 -28.05
C VAL A 102 34.31 -15.61 -28.20
N ASN A 103 35.51 -15.09 -28.47
CA ASN A 103 35.67 -13.66 -28.68
C ASN A 103 35.65 -13.25 -30.14
N GLU A 104 35.37 -14.19 -31.04
CA GLU A 104 35.37 -13.90 -32.46
C GLU A 104 34.08 -13.18 -32.85
N SER A 105 34.22 -12.00 -33.45
CA SER A 105 33.03 -11.24 -33.80
C SER A 105 33.32 -10.33 -34.99
N LYS A 106 32.27 -10.07 -35.78
CA LYS A 106 32.29 -9.11 -36.87
C LYS A 106 32.29 -7.66 -36.37
N TYR A 107 31.90 -7.42 -35.12
CA TYR A 107 31.78 -6.07 -34.58
C TYR A 107 32.60 -5.93 -33.31
N ASP A 108 32.90 -4.67 -32.92
CA ASP A 108 33.56 -4.41 -31.65
C ASP A 108 32.72 -4.88 -30.48
N TYR A 109 31.40 -4.71 -30.57
CA TYR A 109 30.49 -5.01 -29.47
C TYR A 109 29.26 -5.77 -29.98
N ASP A 110 28.77 -6.70 -29.13
CA ASP A 110 27.45 -7.28 -29.37
C ASP A 110 26.34 -6.26 -29.16
N LEU A 111 26.54 -5.30 -28.24
CA LEU A 111 25.52 -4.31 -27.87
C LEU A 111 26.19 -2.97 -27.62
N ILE A 112 25.68 -1.91 -28.24
CA ILE A 112 26.01 -0.54 -27.85
C ILE A 112 24.73 0.13 -27.38
N VAL A 113 24.75 0.59 -26.12
CA VAL A 113 23.66 1.40 -25.53
C VAL A 113 24.07 2.87 -25.62
N ILE A 114 23.24 3.69 -26.25
CA ILE A 114 23.47 5.14 -26.26
C ILE A 114 22.58 5.77 -25.19
N GLY A 115 23.21 6.23 -24.10
CA GLY A 115 22.50 6.81 -22.97
C GLY A 115 22.65 6.00 -21.69
N GLY A 116 23.17 6.62 -20.63
CA GLY A 116 23.41 5.91 -19.38
C GLY A 116 22.47 6.28 -18.25
N GLY A 117 21.16 6.18 -18.51
CA GLY A 117 20.15 6.44 -17.52
C GLY A 117 19.42 5.20 -17.06
N SER A 118 18.21 5.41 -16.56
CA SER A 118 17.39 4.34 -16.00
C SER A 118 17.27 3.13 -16.93
N GLY A 119 16.80 3.36 -18.16
CA GLY A 119 16.63 2.24 -19.08
C GLY A 119 17.94 1.70 -19.62
N GLY A 120 18.87 2.59 -19.99
CA GLY A 120 20.11 2.15 -20.62
C GLY A 120 21.01 1.35 -19.68
N LEU A 121 21.19 1.84 -18.45
CA LEU A 121 21.96 1.08 -17.46
C LEU A 121 21.34 -0.29 -17.23
N ALA A 122 20.01 -0.36 -17.14
CA ALA A 122 19.37 -1.64 -16.84
C ALA A 122 19.54 -2.61 -18.00
N ALA A 123 19.44 -2.10 -19.23
CA ALA A 123 19.64 -2.95 -20.41
C ALA A 123 21.07 -3.46 -20.50
N GLY A 124 22.06 -2.55 -20.35
CA GLY A 124 23.44 -2.94 -20.52
C GLY A 124 23.87 -3.99 -19.50
N LYS A 125 23.47 -3.81 -18.23
CA LYS A 125 23.83 -4.78 -17.21
C LYS A 125 23.18 -6.13 -17.48
N GLU A 126 21.91 -6.14 -17.88
CA GLU A 126 21.22 -7.42 -18.12
C GLU A 126 21.87 -8.18 -19.27
N ALA A 127 22.19 -7.48 -20.36
CA ALA A 127 22.79 -8.14 -21.53
C ALA A 127 24.14 -8.77 -21.18
N ALA A 128 24.97 -8.05 -20.42
CA ALA A 128 26.30 -8.56 -20.09
C ALA A 128 26.25 -9.87 -19.29
N LYS A 129 25.22 -10.07 -18.47
CA LYS A 129 25.07 -11.32 -17.72
C LYS A 129 24.92 -12.55 -18.61
N TYR A 130 24.50 -12.39 -19.86
CA TYR A 130 24.40 -13.54 -20.76
C TYR A 130 25.56 -13.61 -21.74
N GLY A 131 26.61 -12.84 -21.53
CA GLY A 131 27.81 -12.95 -22.33
C GLY A 131 27.92 -11.97 -23.47
N ALA A 132 26.99 -11.04 -23.61
CA ALA A 132 27.08 -10.02 -24.65
C ALA A 132 28.19 -9.03 -24.32
N LYS A 133 29.06 -8.77 -25.30
CA LYS A 133 30.13 -7.81 -25.13
C LYS A 133 29.55 -6.41 -25.33
N THR A 134 29.57 -5.61 -24.26
CA THR A 134 28.65 -4.48 -24.14
C THR A 134 29.40 -3.20 -23.81
N ALA A 135 28.99 -2.09 -24.44
CA ALA A 135 29.44 -0.75 -24.09
C ALA A 135 28.23 0.15 -23.81
N VAL A 136 28.28 0.97 -22.75
CA VAL A 136 27.28 2.01 -22.56
C VAL A 136 27.94 3.38 -22.64
N LEU A 137 27.33 4.27 -23.41
CA LEU A 137 27.84 5.61 -23.63
C LEU A 137 26.97 6.55 -22.82
N ASP A 138 27.60 7.48 -22.08
CA ASP A 138 26.80 8.50 -21.40
C ASP A 138 27.54 9.84 -21.38
N TYR A 139 26.80 10.90 -21.65
CA TYR A 139 27.30 12.28 -21.63
C TYR A 139 26.18 13.20 -21.18
N VAL A 140 26.52 14.23 -20.40
CA VAL A 140 25.51 15.17 -19.89
C VAL A 140 25.79 16.55 -20.46
N GLU A 141 25.02 16.97 -21.45
CA GLU A 141 25.14 18.32 -22.00
C GLU A 141 24.85 19.36 -20.93
N PRO A 142 25.75 20.34 -20.71
CA PRO A 142 25.51 21.31 -19.63
C PRO A 142 24.24 22.13 -19.85
N THR A 143 23.62 22.59 -18.76
CA THR A 143 22.48 23.49 -18.86
C THR A 143 22.99 24.88 -19.33
N PRO A 144 22.07 25.80 -19.69
CA PRO A 144 22.51 27.18 -20.02
C PRO A 144 23.41 27.85 -19.00
N ILE A 145 23.22 27.68 -17.69
CA ILE A 145 24.14 28.29 -16.72
C ILE A 145 25.35 27.41 -16.39
N GLY A 146 25.46 26.21 -16.96
CA GLY A 146 26.65 25.39 -16.77
C GLY A 146 26.46 24.13 -15.93
N THR A 147 25.27 23.86 -15.39
CA THR A 147 25.10 22.73 -14.50
C THR A 147 25.34 21.41 -15.24
N THR A 148 26.01 20.48 -14.56
CA THR A 148 26.27 19.15 -15.10
C THR A 148 26.35 18.18 -13.91
N TRP A 149 26.33 16.86 -14.20
CA TRP A 149 26.26 15.84 -13.16
C TRP A 149 26.78 14.50 -13.70
N GLY A 150 26.76 13.47 -12.84
CA GLY A 150 27.44 12.20 -13.12
C GLY A 150 26.53 11.11 -13.68
N LEU A 151 27.07 9.89 -13.78
CA LEU A 151 26.35 8.75 -14.37
C LEU A 151 25.05 8.41 -13.65
N GLY A 152 24.03 8.02 -14.43
CA GLY A 152 22.79 7.58 -13.84
C GLY A 152 21.48 8.09 -14.42
N GLY A 153 21.50 9.21 -15.16
CA GLY A 153 20.32 9.69 -15.87
C GLY A 153 19.53 10.73 -15.09
N THR A 154 18.40 11.13 -15.69
CA THR A 154 17.55 12.20 -15.13
C THR A 154 17.06 11.86 -13.72
N CYS A 155 16.53 10.66 -13.53
CA CYS A 155 15.96 10.26 -12.24
C CYS A 155 17.00 10.31 -11.11
N VAL A 156 18.14 9.64 -11.30
CA VAL A 156 19.18 9.61 -10.26
C VAL A 156 19.62 11.03 -9.87
N ASN A 157 19.85 11.89 -10.88
CA ASN A 157 20.58 13.15 -10.67
C ASN A 157 19.71 14.38 -10.55
N VAL A 158 18.61 14.47 -11.32
CA VAL A 158 17.83 15.70 -11.35
C VAL A 158 16.33 15.39 -11.47
N GLY A 159 15.90 14.24 -10.93
CA GLY A 159 14.51 13.79 -11.04
C GLY A 159 13.96 13.12 -9.79
N CYS A 160 13.47 11.86 -9.89
CA CYS A 160 12.77 11.19 -8.78
C CYS A 160 13.52 11.28 -7.45
N ILE A 161 14.82 11.02 -7.46
CA ILE A 161 15.57 10.84 -6.21
C ILE A 161 15.70 12.17 -5.47
N PRO A 162 16.35 13.23 -6.01
CA PRO A 162 16.41 14.50 -5.26
C PRO A 162 15.06 15.15 -5.02
N LYS A 163 14.13 15.03 -5.98
CA LYS A 163 12.73 15.48 -5.80
C LYS A 163 12.09 14.91 -4.54
N LYS A 164 12.19 13.57 -4.35
CA LYS A 164 11.50 12.98 -3.19
C LYS A 164 12.25 13.24 -1.88
N LEU A 165 13.57 13.40 -1.94
CA LEU A 165 14.31 13.77 -0.74
C LEU A 165 13.92 15.16 -0.25
N MET A 166 13.72 16.11 -1.17
CA MET A 166 13.30 17.45 -0.73
C MET A 166 11.83 17.44 -0.32
N HIS A 167 11.01 16.65 -1.03
CA HIS A 167 9.65 16.42 -0.53
C HIS A 167 9.65 15.94 0.92
N GLN A 168 10.54 15.00 1.25
CA GLN A 168 10.60 14.51 2.62
C GLN A 168 11.01 15.63 3.56
N ALA A 169 11.99 16.44 3.15
CA ALA A 169 12.40 17.57 4.01
C ALA A 169 11.20 18.46 4.31
N GLY A 170 10.31 18.63 3.33
CA GLY A 170 9.12 19.43 3.54
C GLY A 170 8.07 18.75 4.40
N LEU A 171 7.90 17.43 4.23
CA LEU A 171 6.99 16.69 5.11
C LEU A 171 7.44 16.79 6.56
N LEU A 172 8.74 16.88 6.81
CA LEU A 172 9.19 16.90 8.18
C LEU A 172 8.78 18.17 8.90
N SER A 173 8.49 19.25 8.17
CA SER A 173 8.01 20.47 8.80
C SER A 173 6.66 20.23 9.48
N HIS A 174 5.75 19.52 8.81
CA HIS A 174 4.49 19.15 9.47
C HIS A 174 4.73 18.14 10.60
N ALA A 175 5.73 17.26 10.46
CA ALA A 175 6.07 16.37 11.56
C ALA A 175 6.44 17.16 12.82
N LEU A 176 7.25 18.23 12.67
CA LEU A 176 7.63 19.04 13.83
C LEU A 176 6.41 19.71 14.48
N GLU A 177 5.48 20.21 13.67
CA GLU A 177 4.23 20.74 14.18
C GLU A 177 3.44 19.66 14.94
N ASP A 178 3.24 18.51 14.30
CA ASP A 178 2.46 17.44 14.91
C ASP A 178 3.07 16.97 16.22
N ALA A 179 4.40 17.00 16.34
CA ALA A 179 5.04 16.47 17.54
C ALA A 179 4.57 17.20 18.80
N GLU A 180 4.26 18.50 18.71
CA GLU A 180 3.81 19.20 19.92
C GLU A 180 2.53 18.58 20.47
N HIS A 181 1.56 18.30 19.59
CA HIS A 181 0.28 17.80 20.07
C HIS A 181 0.37 16.39 20.64
N PHE A 182 1.38 15.62 20.22
CA PHE A 182 1.61 14.28 20.73
C PHE A 182 2.55 14.27 21.95
N GLY A 183 2.88 15.46 22.48
CA GLY A 183 3.54 15.56 23.78
C GLY A 183 4.99 15.99 23.79
N TRP A 184 5.63 16.19 22.63
CA TRP A 184 7.04 16.60 22.62
C TRP A 184 7.17 18.10 22.93
N SER A 185 8.30 18.47 23.55
CA SER A 185 8.49 19.80 24.13
C SER A 185 8.98 20.87 23.17
N LEU A 186 9.39 20.52 21.95
CA LEU A 186 9.85 21.52 21.00
C LEU A 186 8.77 22.58 20.73
N ASP A 187 9.21 23.74 20.21
CA ASP A 187 8.30 24.80 19.73
C ASP A 187 8.60 25.08 18.26
N ARG A 188 7.71 24.56 17.39
CA ARG A 188 7.86 24.70 15.94
C ARG A 188 8.16 26.14 15.50
N SER A 189 7.65 27.13 16.23
CA SER A 189 7.76 28.53 15.83
C SER A 189 9.18 29.07 15.82
N LYS A 190 10.10 28.46 16.57
CA LYS A 190 11.47 28.97 16.64
C LYS A 190 12.48 28.06 15.94
N ILE A 191 12.03 27.28 14.96
CA ILE A 191 12.91 26.40 14.19
C ILE A 191 12.89 26.85 12.74
N SER A 192 14.06 26.89 12.11
CA SER A 192 14.19 27.30 10.71
C SER A 192 14.89 26.23 9.88
N HIS A 193 14.81 26.37 8.55
CA HIS A 193 15.42 25.41 7.63
C HIS A 193 16.66 26.02 6.96
N ASN A 194 17.73 25.23 6.86
CA ASN A 194 18.95 25.62 6.14
C ASN A 194 18.99 24.87 4.81
N TRP A 195 18.81 25.60 3.70
CA TRP A 195 18.74 25.02 2.37
C TRP A 195 20.05 24.33 1.99
N SER A 196 21.18 25.02 2.16
CA SER A 196 22.43 24.45 1.67
C SER A 196 22.82 23.19 2.46
N THR A 197 22.45 23.09 3.73
CA THR A 197 22.65 21.84 4.46
C THR A 197 21.88 20.69 3.82
N MET A 198 20.62 20.94 3.43
CA MET A 198 19.83 19.90 2.77
C MET A 198 20.46 19.46 1.45
N VAL A 199 20.89 20.42 0.62
CA VAL A 199 21.46 20.13 -0.70
C VAL A 199 22.76 19.34 -0.56
N GLU A 200 23.61 19.71 0.40
CA GLU A 200 24.79 18.88 0.67
C GLU A 200 24.41 17.42 0.94
N GLY A 201 23.40 17.19 1.80
CA GLY A 201 23.00 15.81 2.10
C GLY A 201 22.44 15.08 0.89
N VAL A 202 21.63 15.75 0.08
CA VAL A 202 21.04 15.13 -1.10
C VAL A 202 22.13 14.80 -2.12
N GLN A 203 23.03 15.77 -2.37
CA GLN A 203 24.08 15.57 -3.36
C GLN A 203 25.05 14.49 -2.93
N SER A 204 25.25 14.33 -1.62
CA SER A 204 26.12 13.26 -1.18
C SER A 204 25.50 11.88 -1.45
N HIS A 205 24.18 11.75 -1.32
CA HIS A 205 23.56 10.47 -1.69
C HIS A 205 23.61 10.25 -3.20
N ILE A 206 23.36 11.29 -4.01
CA ILE A 206 23.49 11.17 -5.48
C ILE A 206 24.91 10.75 -5.85
N GLY A 207 25.91 11.36 -5.23
CA GLY A 207 27.28 10.97 -5.48
C GLY A 207 27.53 9.49 -5.22
N SER A 208 26.96 8.95 -4.15
CA SER A 208 27.15 7.52 -3.92
C SER A 208 26.44 6.68 -4.99
N LEU A 209 25.39 7.21 -5.62
CA LEU A 209 24.78 6.45 -6.71
C LEU A 209 25.60 6.53 -7.98
N ASN A 210 26.10 7.74 -8.34
CA ASN A 210 27.04 7.87 -9.46
C ASN A 210 28.15 6.83 -9.33
N TRP A 211 28.80 6.80 -8.16
CA TRP A 211 29.86 5.83 -7.90
C TRP A 211 29.36 4.40 -8.03
N GLY A 212 28.20 4.10 -7.43
CA GLY A 212 27.66 2.75 -7.44
C GLY A 212 27.47 2.19 -8.84
N TYR A 213 26.98 3.01 -9.78
CA TYR A 213 26.79 2.53 -11.15
C TYR A 213 28.11 2.29 -11.88
N LYS A 214 29.13 3.12 -11.63
CA LYS A 214 30.42 2.85 -12.25
C LYS A 214 31.00 1.54 -11.75
N VAL A 215 30.85 1.24 -10.45
CA VAL A 215 31.34 -0.03 -9.92
C VAL A 215 30.53 -1.19 -10.51
N ALA A 216 29.21 -1.02 -10.63
CA ALA A 216 28.36 -2.10 -11.15
C ALA A 216 28.69 -2.44 -12.60
N LEU A 217 29.02 -1.43 -13.43
CA LEU A 217 29.36 -1.73 -14.82
C LEU A 217 30.73 -2.42 -14.92
N ARG A 218 31.72 -1.93 -14.14
CA ARG A 218 33.02 -2.60 -14.07
C ARG A 218 32.88 -4.07 -13.63
N ASP A 219 32.09 -4.32 -12.59
CA ASP A 219 31.94 -5.70 -12.12
C ASP A 219 31.18 -6.59 -13.12
N ASN A 220 30.44 -6.03 -14.06
CA ASN A 220 29.79 -6.81 -15.10
C ASN A 220 30.56 -6.81 -16.41
N GLN A 221 31.82 -6.34 -16.41
CA GLN A 221 32.64 -6.26 -17.63
C GLN A 221 32.01 -5.40 -18.73
N VAL A 222 31.23 -4.38 -18.37
CA VAL A 222 30.69 -3.44 -19.36
C VAL A 222 31.69 -2.31 -19.56
N THR A 223 31.96 -1.95 -20.81
CA THR A 223 32.82 -0.81 -21.10
C THR A 223 32.01 0.47 -20.98
N TYR A 224 32.44 1.37 -20.10
CA TYR A 224 31.75 2.65 -19.92
C TYR A 224 32.57 3.78 -20.54
N LEU A 225 31.96 4.49 -21.50
CA LEU A 225 32.58 5.60 -22.20
C LEU A 225 31.81 6.87 -21.87
N ASN A 226 32.47 7.82 -21.21
CA ASN A 226 31.84 9.10 -20.94
C ASN A 226 32.07 9.98 -22.17
N ALA A 227 31.15 9.84 -23.14
CA ALA A 227 31.31 10.39 -24.47
C ALA A 227 29.94 10.51 -25.14
N LYS A 228 29.80 11.48 -26.04
CA LYS A 228 28.56 11.68 -26.78
C LYS A 228 28.52 10.75 -27.98
N GLY A 229 27.39 10.07 -28.18
CA GLY A 229 27.24 9.10 -29.25
C GLY A 229 26.34 9.60 -30.37
N ARG A 230 26.66 9.19 -31.61
CA ARG A 230 25.84 9.53 -32.77
C ARG A 230 25.76 8.32 -33.69
N LEU A 231 24.54 7.85 -34.00
CA LEU A 231 24.36 6.73 -34.91
C LEU A 231 24.46 7.24 -36.35
N ILE A 232 25.48 6.78 -37.09
CA ILE A 232 25.70 7.25 -38.46
C ILE A 232 25.34 6.21 -39.52
N SER A 233 25.36 4.92 -39.19
CA SER A 233 24.78 3.87 -40.01
C SER A 233 24.24 2.81 -39.04
N PRO A 234 23.54 1.80 -39.54
CA PRO A 234 22.90 0.83 -38.61
C PRO A 234 23.84 0.22 -37.59
N HIS A 235 25.13 0.06 -37.91
CA HIS A 235 26.06 -0.58 -36.98
C HIS A 235 27.18 0.32 -36.51
N GLU A 236 27.23 1.60 -36.93
CA GLU A 236 28.35 2.48 -36.60
C GLU A 236 27.92 3.63 -35.70
N VAL A 237 28.57 3.76 -34.55
CA VAL A 237 28.34 4.84 -33.59
C VAL A 237 29.58 5.72 -33.55
N GLN A 238 29.42 6.99 -33.90
CA GLN A 238 30.49 7.96 -33.78
C GLN A 238 30.48 8.53 -32.37
N ILE A 239 31.65 8.53 -31.71
CA ILE A 239 31.79 9.04 -30.35
C ILE A 239 32.72 10.24 -30.32
N THR A 240 32.40 11.22 -29.45
CA THR A 240 33.22 12.40 -29.29
C THR A 240 33.65 12.53 -27.82
N ASP A 241 34.97 12.65 -27.62
CA ASP A 241 35.65 12.68 -26.33
C ASP A 241 35.31 13.93 -25.52
N LYS A 242 35.67 13.90 -24.24
CA LYS A 242 35.71 15.11 -23.44
C LYS A 242 36.84 16.04 -23.86
N ASN A 243 37.77 15.55 -24.68
CA ASN A 243 38.79 16.36 -25.34
C ASN A 243 38.46 16.63 -26.81
N GLN A 244 37.23 16.30 -27.24
CA GLN A 244 36.76 16.49 -28.61
C GLN A 244 37.45 15.56 -29.61
N LYS A 245 38.05 14.47 -29.15
CA LYS A 245 38.56 13.42 -30.04
C LYS A 245 37.42 12.59 -30.60
N VAL A 246 37.41 12.40 -31.92
CA VAL A 246 36.32 11.73 -32.63
C VAL A 246 36.80 10.36 -33.11
N SER A 247 35.93 9.36 -32.99
CA SER A 247 36.25 8.01 -33.44
C SER A 247 34.95 7.24 -33.66
N THR A 248 35.08 6.00 -34.16
CA THR A 248 33.94 5.19 -34.54
C THR A 248 34.06 3.79 -33.95
N ILE A 249 32.97 3.27 -33.38
CA ILE A 249 32.90 1.89 -32.89
C ILE A 249 31.71 1.23 -33.58
N THR A 250 31.75 -0.10 -33.63
CA THR A 250 30.68 -0.89 -34.25
C THR A 250 30.05 -1.83 -33.25
N GLY A 251 28.80 -2.17 -33.53
CA GLY A 251 28.04 -3.05 -32.67
C GLY A 251 26.96 -3.78 -33.44
N ASN A 252 26.68 -5.01 -33.02
CA ASN A 252 25.63 -5.78 -33.66
C ASN A 252 24.26 -5.16 -33.38
N LYS A 253 23.85 -5.09 -32.11
CA LYS A 253 22.60 -4.46 -31.70
C LYS A 253 22.86 -3.08 -31.09
N ILE A 254 21.90 -2.17 -31.29
CA ILE A 254 21.96 -0.79 -30.80
C ILE A 254 20.69 -0.50 -30.02
N ILE A 255 20.85 0.00 -28.79
CA ILE A 255 19.71 0.48 -28.00
C ILE A 255 19.86 1.99 -27.80
N LEU A 256 18.88 2.75 -28.29
CA LEU A 256 18.80 4.20 -28.04
C LEU A 256 18.07 4.45 -26.73
N ALA A 257 18.73 5.12 -25.79
CA ALA A 257 18.19 5.33 -24.45
C ALA A 257 18.60 6.71 -23.92
N THR A 258 18.41 7.75 -24.73
CA THR A 258 19.00 9.06 -24.47
C THR A 258 18.09 10.05 -23.73
N GLY A 259 16.84 9.69 -23.47
CA GLY A 259 15.92 10.53 -22.67
C GLY A 259 15.65 11.92 -23.25
N GLU A 260 15.20 12.83 -22.37
CA GLU A 260 14.74 14.18 -22.72
C GLU A 260 15.41 15.23 -21.83
N ARG A 261 15.21 16.50 -22.17
CA ARG A 261 15.67 17.61 -21.36
C ARG A 261 14.57 18.68 -21.30
N PRO A 262 14.63 19.57 -20.32
CA PRO A 262 13.54 20.54 -20.14
C PRO A 262 13.45 21.57 -21.27
N LYS A 263 12.21 22.03 -21.51
CA LYS A 263 11.89 23.06 -22.49
C LYS A 263 11.92 24.45 -21.88
N TYR A 264 12.17 25.45 -22.73
CA TYR A 264 12.10 26.87 -22.43
C TYR A 264 11.11 27.54 -23.39
N PRO A 265 10.21 28.38 -22.89
CA PRO A 265 9.40 29.18 -23.83
C PRO A 265 10.25 30.22 -24.54
N GLU A 266 9.86 30.56 -25.77
CA GLU A 266 10.57 31.56 -26.55
C GLU A 266 10.08 32.96 -26.19
N ILE A 267 10.60 33.46 -25.07
CA ILE A 267 10.36 34.83 -24.64
C ILE A 267 11.70 35.45 -24.25
N PRO A 268 11.86 36.77 -24.33
CA PRO A 268 13.12 37.39 -23.92
C PRO A 268 13.40 37.15 -22.45
N GLY A 269 14.64 36.76 -22.14
CA GLY A 269 15.08 36.62 -20.75
C GLY A 269 14.94 35.23 -20.15
N ALA A 270 14.26 34.30 -20.83
CA ALA A 270 13.97 33.01 -20.21
C ALA A 270 15.23 32.16 -20.02
N VAL A 271 16.00 31.95 -21.10
CA VAL A 271 17.25 31.19 -21.04
C VAL A 271 18.31 31.91 -20.21
N GLU A 272 18.38 33.24 -20.34
CA GLU A 272 19.42 34.01 -19.67
C GLU A 272 19.21 34.10 -18.16
N TYR A 273 17.97 34.26 -17.72
CA TYR A 273 17.75 34.63 -16.33
C TYR A 273 16.97 33.61 -15.50
N GLY A 274 16.22 32.70 -16.13
CA GLY A 274 15.47 31.69 -15.40
C GLY A 274 16.27 30.40 -15.26
N ILE A 275 15.68 29.43 -14.56
CA ILE A 275 16.30 28.10 -14.42
C ILE A 275 15.23 27.03 -14.65
N THR A 276 15.66 25.76 -14.65
CA THR A 276 14.77 24.60 -14.73
C THR A 276 15.06 23.65 -13.56
N SER A 277 14.28 22.57 -13.49
CA SER A 277 14.54 21.54 -12.51
C SER A 277 15.97 20.97 -12.63
N ASP A 278 16.55 20.96 -13.83
CA ASP A 278 17.96 20.51 -13.99
C ASP A 278 18.92 21.25 -13.05
N ASP A 279 18.72 22.56 -12.86
CA ASP A 279 19.58 23.40 -12.02
C ASP A 279 19.16 23.39 -10.55
N LEU A 280 17.87 23.12 -10.27
CA LEU A 280 17.29 23.37 -8.95
C LEU A 280 17.87 22.45 -7.88
N PHE A 281 18.07 21.17 -8.21
CA PHE A 281 18.45 20.20 -7.18
C PHE A 281 19.91 20.31 -6.71
N SER A 282 20.74 21.15 -7.33
CA SER A 282 22.07 21.39 -6.79
C SER A 282 22.34 22.88 -6.58
N LEU A 283 21.29 23.71 -6.50
CA LEU A 283 21.46 25.15 -6.40
C LEU A 283 22.20 25.52 -5.11
N PRO A 284 23.26 26.34 -5.19
CA PRO A 284 24.02 26.64 -3.96
C PRO A 284 23.32 27.61 -3.00
N TYR A 285 22.28 28.32 -3.43
CA TYR A 285 21.56 29.28 -2.59
C TYR A 285 20.07 28.95 -2.54
N PHE A 286 19.40 29.36 -1.48
CA PHE A 286 17.95 29.18 -1.42
C PHE A 286 17.30 30.03 -2.51
N PRO A 287 16.38 29.47 -3.32
CA PRO A 287 15.73 30.28 -4.37
C PRO A 287 15.09 31.57 -3.90
N GLY A 288 14.62 31.65 -2.65
CA GLY A 288 13.91 32.83 -2.16
C GLY A 288 12.49 32.93 -2.71
N LYS A 289 12.01 34.16 -2.87
CA LYS A 289 10.70 34.35 -3.47
C LYS A 289 10.73 33.86 -4.91
N THR A 290 9.87 32.88 -5.22
CA THR A 290 9.97 32.06 -6.42
C THR A 290 8.67 32.06 -7.21
N LEU A 291 8.80 32.17 -8.52
CA LEU A 291 7.73 31.94 -9.47
C LEU A 291 8.04 30.65 -10.21
N VAL A 292 7.06 29.73 -10.23
CA VAL A 292 7.13 28.51 -11.02
C VAL A 292 6.14 28.66 -12.18
N ILE A 293 6.65 28.51 -13.40
CA ILE A 293 5.85 28.69 -14.62
C ILE A 293 5.57 27.32 -15.19
N GLY A 294 4.29 26.94 -15.23
CA GLY A 294 3.87 25.61 -15.65
C GLY A 294 2.91 25.00 -14.64
N ALA A 295 2.40 23.81 -15.02
CA ALA A 295 1.40 23.14 -14.21
C ALA A 295 1.48 21.62 -14.27
N SER A 296 2.57 21.05 -14.76
CA SER A 296 2.82 19.61 -14.73
C SER A 296 3.06 19.12 -13.30
N TYR A 297 3.20 17.80 -13.15
CA TYR A 297 3.56 17.30 -11.82
C TYR A 297 4.92 17.86 -11.37
N VAL A 298 5.85 18.10 -12.30
CA VAL A 298 7.15 18.69 -11.93
C VAL A 298 6.96 20.07 -11.32
N ALA A 299 6.18 20.91 -12.00
CA ALA A 299 5.88 22.25 -11.49
C ALA A 299 5.29 22.19 -10.10
N LEU A 300 4.25 21.37 -9.91
CA LEU A 300 3.52 21.35 -8.64
C LEU A 300 4.32 20.72 -7.50
N GLU A 301 5.14 19.69 -7.83
CA GLU A 301 5.96 19.06 -6.79
C GLU A 301 7.03 20.04 -6.28
N CYS A 302 7.67 20.77 -7.20
CA CYS A 302 8.71 21.72 -6.78
C CYS A 302 8.12 22.90 -6.04
N ALA A 303 7.02 23.47 -6.56
CA ALA A 303 6.37 24.54 -5.81
C ALA A 303 6.00 24.08 -4.42
N GLY A 304 5.56 22.82 -4.29
CA GLY A 304 5.06 22.35 -3.00
C GLY A 304 6.14 22.24 -1.92
N PHE A 305 7.28 21.63 -2.25
CA PHE A 305 8.27 21.51 -1.17
C PHE A 305 8.95 22.85 -0.90
N LEU A 306 9.11 23.71 -1.92
CA LEU A 306 9.66 25.04 -1.67
C LEU A 306 8.81 25.81 -0.67
N ALA A 307 7.48 25.66 -0.74
CA ALA A 307 6.59 26.33 0.20
C ALA A 307 6.72 25.75 1.61
N SER A 308 6.72 24.41 1.73
CA SER A 308 6.92 23.78 3.03
C SER A 308 8.25 24.15 3.68
N LEU A 309 9.27 24.52 2.89
CA LEU A 309 10.56 24.89 3.43
C LEU A 309 10.69 26.39 3.72
N GLY A 310 9.59 27.14 3.65
CA GLY A 310 9.58 28.53 4.05
C GLY A 310 9.56 29.52 2.92
N GLY A 311 9.39 29.08 1.68
CA GLY A 311 9.44 29.99 0.55
C GLY A 311 8.12 30.68 0.26
N ASP A 312 8.23 31.89 -0.25
CA ASP A 312 7.12 32.65 -0.82
C ASP A 312 7.02 32.22 -2.29
N VAL A 313 5.99 31.43 -2.64
CA VAL A 313 5.92 30.70 -3.91
C VAL A 313 4.63 31.04 -4.65
N THR A 314 4.74 31.31 -5.96
CA THR A 314 3.61 31.47 -6.87
C THR A 314 3.79 30.52 -8.05
N VAL A 315 2.68 29.94 -8.51
CA VAL A 315 2.62 29.11 -9.71
C VAL A 315 1.76 29.81 -10.75
N MET A 316 2.26 29.93 -11.99
CA MET A 316 1.56 30.64 -13.06
C MET A 316 1.02 29.59 -14.04
N VAL A 317 -0.31 29.47 -14.12
CA VAL A 317 -1.00 28.37 -14.80
C VAL A 317 -1.63 28.88 -16.09
N ARG A 318 -1.18 28.35 -17.24
CA ARG A 318 -1.76 28.73 -18.53
C ARG A 318 -3.26 28.39 -18.59
N SER A 319 -3.63 27.15 -18.27
CA SER A 319 -5.04 26.73 -18.36
C SER A 319 -5.44 25.86 -17.17
N ILE A 320 -5.08 24.58 -17.16
CA ILE A 320 -5.49 23.67 -16.10
C ILE A 320 -4.26 23.05 -15.40
N LEU A 321 -4.48 22.57 -14.18
CA LEU A 321 -3.47 21.76 -13.48
C LEU A 321 -3.51 20.32 -13.96
N LEU A 322 -2.32 19.71 -14.08
CA LEU A 322 -2.16 18.28 -14.32
C LEU A 322 -2.96 17.80 -15.54
N ARG A 323 -2.80 18.47 -16.66
CA ARG A 323 -3.46 18.05 -17.89
C ARG A 323 -3.17 16.58 -18.18
N GLY A 324 -4.23 15.82 -18.43
CA GLY A 324 -4.09 14.39 -18.66
C GLY A 324 -4.33 13.51 -17.44
N PHE A 325 -4.38 14.08 -16.24
CA PHE A 325 -4.84 13.39 -15.04
C PHE A 325 -6.31 13.74 -14.78
N ASP A 326 -7.01 12.85 -14.05
CA ASP A 326 -8.37 13.09 -13.55
C ASP A 326 -8.51 14.50 -12.98
N GLN A 327 -9.40 15.30 -13.59
CA GLN A 327 -9.43 16.73 -13.23
C GLN A 327 -10.06 16.99 -11.87
N GLN A 328 -10.94 16.11 -11.37
CA GLN A 328 -11.44 16.30 -10.01
C GLN A 328 -10.31 16.10 -8.99
N MET A 329 -9.48 15.05 -9.18
CA MET A 329 -8.29 14.85 -8.35
C MET A 329 -7.30 16.00 -8.48
N ALA A 330 -7.06 16.49 -9.70
CA ALA A 330 -6.13 17.61 -9.89
C ALA A 330 -6.57 18.85 -9.13
N GLU A 331 -7.88 19.12 -9.10
CA GLU A 331 -8.37 20.31 -8.43
C GLU A 331 -8.24 20.18 -6.91
N LYS A 332 -8.52 19.00 -6.35
CA LYS A 332 -8.29 18.79 -4.92
C LYS A 332 -6.81 18.97 -4.54
N VAL A 333 -5.89 18.50 -5.40
CA VAL A 333 -4.47 18.70 -5.19
C VAL A 333 -4.14 20.19 -5.11
N GLY A 334 -4.62 20.98 -6.09
CA GLY A 334 -4.37 22.42 -6.10
C GLY A 334 -4.96 23.17 -4.91
N ASP A 335 -6.20 22.82 -4.52
CA ASP A 335 -6.85 23.51 -3.40
C ASP A 335 -6.07 23.28 -2.11
N TYR A 336 -5.59 22.06 -1.88
CA TYR A 336 -4.79 21.82 -0.68
C TYR A 336 -3.51 22.65 -0.70
N MET A 337 -2.82 22.72 -1.84
CA MET A 337 -1.61 23.55 -1.87
C MET A 337 -1.93 25.01 -1.63
N GLU A 338 -3.06 25.49 -2.14
CA GLU A 338 -3.42 26.89 -1.94
C GLU A 338 -3.82 27.17 -0.49
N ASN A 339 -4.40 26.19 0.20
CA ASN A 339 -4.75 26.39 1.60
C ASN A 339 -3.54 26.37 2.50
N HIS A 340 -2.46 25.74 2.07
CA HIS A 340 -1.22 25.71 2.84
C HIS A 340 -0.14 26.59 2.19
N GLY A 341 -0.51 27.77 1.70
CA GLY A 341 0.51 28.72 1.31
C GLY A 341 0.72 29.05 -0.15
N VAL A 342 0.58 28.10 -1.08
CA VAL A 342 0.97 28.36 -2.48
C VAL A 342 -0.05 29.29 -3.13
N LYS A 343 0.45 30.35 -3.78
CA LYS A 343 -0.39 31.27 -4.55
C LYS A 343 -0.41 30.85 -6.01
N PHE A 344 -1.56 31.01 -6.67
CA PHE A 344 -1.70 30.65 -8.08
C PHE A 344 -2.13 31.86 -8.89
N ALA A 345 -1.49 32.05 -10.05
CA ALA A 345 -1.88 33.05 -11.04
C ALA A 345 -2.50 32.28 -12.20
N LYS A 346 -3.83 32.23 -12.23
CA LYS A 346 -4.57 31.29 -13.06
C LYS A 346 -4.94 31.92 -14.40
N LEU A 347 -4.90 31.10 -15.46
CA LEU A 347 -5.17 31.53 -16.83
C LEU A 347 -4.19 32.64 -17.25
N CYS A 348 -2.88 32.39 -17.09
CA CYS A 348 -1.87 33.43 -17.20
C CYS A 348 -0.61 32.84 -17.87
N VAL A 349 0.03 33.64 -18.72
CA VAL A 349 1.28 33.24 -19.39
C VAL A 349 2.28 34.41 -19.32
N PRO A 350 3.58 34.06 -19.36
CA PRO A 350 4.62 35.10 -19.29
C PRO A 350 5.02 35.67 -20.65
N ASP A 351 5.32 36.97 -20.68
CA ASP A 351 5.80 37.63 -21.90
C ASP A 351 7.29 37.98 -21.90
N GLU A 352 7.88 38.30 -20.74
CA GLU A 352 9.32 38.50 -20.71
C GLU A 352 9.84 38.46 -19.28
N ILE A 353 11.13 38.15 -19.13
CA ILE A 353 11.84 38.24 -17.85
C ILE A 353 12.89 39.34 -17.98
N LYS A 354 12.91 40.28 -17.03
CA LYS A 354 13.90 41.34 -16.98
C LYS A 354 14.77 41.19 -15.72
N GLN A 355 16.08 41.47 -15.86
CA GLN A 355 17.03 41.30 -14.76
C GLN A 355 17.18 42.60 -13.99
N LEU A 356 16.85 42.56 -12.70
CA LEU A 356 17.08 43.68 -11.79
C LEU A 356 18.34 43.54 -10.95
N LYS A 357 18.76 42.31 -10.63
CA LYS A 357 20.00 42.01 -9.92
C LYS A 357 20.63 40.73 -10.47
N VAL A 358 21.97 40.73 -10.63
CA VAL A 358 22.74 39.55 -11.03
C VAL A 358 22.88 38.63 -9.83
N VAL A 359 22.96 37.31 -10.08
CA VAL A 359 23.16 36.36 -8.99
C VAL A 359 24.49 36.62 -8.28
N ASP A 360 24.46 36.58 -6.94
CA ASP A 360 25.62 36.87 -6.08
C ASP A 360 26.34 35.57 -5.71
N THR A 361 27.31 35.17 -6.55
CA THR A 361 28.08 33.96 -6.29
C THR A 361 28.90 34.08 -5.02
N GLU A 362 29.42 35.27 -4.75
CA GLU A 362 30.25 35.53 -3.58
C GLU A 362 29.46 35.22 -2.31
N ASN A 363 28.52 36.11 -1.95
CA ASN A 363 27.69 35.96 -0.74
C ASN A 363 26.66 34.84 -0.83
N ASN A 364 26.60 34.08 -1.93
CA ASN A 364 25.71 32.92 -2.05
C ASN A 364 24.24 33.31 -1.89
N LYS A 365 23.78 34.18 -2.78
CA LYS A 365 22.45 34.77 -2.71
C LYS A 365 21.87 34.83 -4.12
N PRO A 366 20.54 34.71 -4.26
CA PRO A 366 19.94 34.83 -5.59
C PRO A 366 19.98 36.25 -6.14
N GLY A 367 19.56 36.46 -7.39
CA GLY A 367 19.42 37.81 -7.92
C GLY A 367 18.00 38.33 -7.75
N LEU A 368 17.51 39.09 -8.72
CA LEU A 368 16.16 39.64 -8.67
C LEU A 368 15.67 39.90 -10.09
N LEU A 369 14.42 39.53 -10.35
CA LEU A 369 13.86 39.57 -11.70
C LEU A 369 12.51 40.26 -11.69
N LEU A 370 12.15 40.83 -12.84
CA LEU A 370 10.83 41.39 -13.07
C LEU A 370 10.15 40.55 -14.14
N VAL A 371 9.01 39.95 -13.79
CA VAL A 371 8.24 39.11 -14.72
C VAL A 371 7.00 39.87 -15.18
N LYS A 372 6.79 39.91 -16.50
CA LYS A 372 5.67 40.59 -17.13
C LYS A 372 4.86 39.57 -17.93
N GLY A 373 3.54 39.60 -17.80
CA GLY A 373 2.68 38.69 -18.52
C GLY A 373 1.24 39.19 -18.64
N HIS A 374 0.35 38.29 -19.07
CA HIS A 374 -1.06 38.66 -19.22
C HIS A 374 -1.97 37.47 -19.01
N TYR A 375 -3.14 37.74 -18.42
CA TYR A 375 -4.26 36.82 -18.28
C TYR A 375 -5.04 36.72 -19.59
N THR A 376 -5.75 35.59 -19.77
CA THR A 376 -6.39 35.33 -21.06
C THR A 376 -7.43 36.38 -21.45
N ASP A 377 -7.94 37.17 -20.49
CA ASP A 377 -8.85 38.27 -20.82
C ASP A 377 -8.11 39.55 -21.19
N GLY A 378 -6.77 39.54 -21.15
CA GLY A 378 -5.96 40.67 -21.54
C GLY A 378 -5.43 41.54 -20.42
N LYS A 379 -5.92 41.37 -19.18
CA LYS A 379 -5.33 42.11 -18.08
C LYS A 379 -3.86 41.75 -17.96
N LYS A 380 -3.06 42.66 -17.40
CA LYS A 380 -1.62 42.47 -17.33
C LYS A 380 -1.20 41.90 -15.99
N PHE A 381 -0.08 41.16 -16.02
CA PHE A 381 0.61 40.63 -14.84
C PHE A 381 1.98 41.29 -14.76
N GLU A 382 2.36 41.80 -13.58
CA GLU A 382 3.71 42.35 -13.37
C GLU A 382 4.08 42.22 -11.89
N GLU A 383 5.22 41.56 -11.63
CA GLU A 383 5.63 41.27 -10.26
C GLU A 383 7.09 40.85 -10.23
N GLU A 384 7.76 41.12 -9.10
CA GLU A 384 9.18 40.82 -8.88
C GLU A 384 9.38 39.48 -8.17
N PHE A 385 10.37 38.69 -8.63
CA PHE A 385 10.76 37.44 -7.96
C PHE A 385 12.27 37.32 -7.94
N GLU A 386 12.79 36.52 -7.00
CA GLU A 386 14.23 36.26 -6.93
C GLU A 386 14.68 35.11 -7.84
N THR A 387 13.80 34.13 -8.06
CA THR A 387 14.05 32.94 -8.88
C THR A 387 12.81 32.65 -9.71
N VAL A 388 13.02 32.25 -10.95
CA VAL A 388 11.94 31.89 -11.86
C VAL A 388 12.27 30.51 -12.41
N ILE A 389 11.43 29.52 -12.11
CA ILE A 389 11.62 28.14 -12.55
C ILE A 389 10.64 27.82 -13.67
N PHE A 390 11.16 27.38 -14.81
CA PHE A 390 10.34 26.98 -15.96
C PHE A 390 10.09 25.47 -15.90
N ALA A 391 8.81 25.09 -15.85
CA ALA A 391 8.38 23.68 -15.88
C ALA A 391 7.26 23.55 -16.92
N VAL A 392 7.64 23.62 -18.20
CA VAL A 392 6.69 23.71 -19.31
C VAL A 392 6.88 22.56 -20.29
N GLY A 393 7.33 21.40 -19.82
CA GLY A 393 7.45 20.22 -20.65
C GLY A 393 8.91 19.82 -20.88
N ARG A 394 9.08 18.63 -21.45
CA ARG A 394 10.39 18.07 -21.76
C ARG A 394 10.35 17.50 -23.18
N GLU A 395 11.50 17.42 -23.83
CA GLU A 395 11.51 16.98 -25.22
C GLU A 395 12.79 16.24 -25.53
N PRO A 396 12.76 15.29 -26.46
CA PRO A 396 13.99 14.64 -26.91
C PRO A 396 14.72 15.56 -27.86
N GLN A 397 15.97 15.24 -28.11
CA GLN A 397 16.76 16.00 -29.08
C GLN A 397 17.44 15.05 -30.05
N LEU A 398 16.66 14.19 -30.71
CA LEU A 398 17.26 13.09 -31.44
C LEU A 398 18.02 13.56 -32.67
N SER A 399 17.78 14.79 -33.11
CA SER A 399 18.57 15.40 -34.16
C SER A 399 20.07 15.31 -33.89
N LYS A 400 20.47 15.34 -32.62
CA LYS A 400 21.88 15.19 -32.26
C LYS A 400 22.31 13.73 -32.32
N VAL A 401 21.46 12.82 -31.81
CA VAL A 401 21.85 11.42 -31.61
C VAL A 401 21.84 10.60 -32.90
N LEU A 402 21.17 11.07 -33.94
CA LEU A 402 20.66 10.17 -34.97
C LEU A 402 20.71 10.85 -36.33
N CYS A 403 21.61 10.39 -37.20
CA CYS A 403 21.65 10.89 -38.57
C CYS A 403 20.38 10.51 -39.32
N GLU A 404 19.85 11.45 -40.12
CA GLU A 404 18.60 11.23 -40.83
C GLU A 404 18.71 10.05 -41.81
N THR A 405 19.89 9.81 -42.36
CA THR A 405 20.04 8.80 -43.39
C THR A 405 20.06 7.38 -42.85
N VAL A 406 20.08 7.19 -41.52
CA VAL A 406 20.07 5.83 -40.99
C VAL A 406 18.73 5.16 -41.27
N GLY A 407 17.65 5.94 -41.27
CA GLY A 407 16.34 5.40 -41.54
C GLY A 407 15.47 5.11 -40.33
N VAL A 408 15.80 5.65 -39.16
CA VAL A 408 14.99 5.44 -37.97
C VAL A 408 13.86 6.46 -37.97
N LYS A 409 12.61 5.97 -37.96
CA LYS A 409 11.44 6.83 -38.10
C LYS A 409 11.03 7.47 -36.77
N LEU A 410 10.73 8.77 -36.80
CA LEU A 410 10.22 9.53 -35.67
C LEU A 410 8.78 9.98 -35.92
N ASP A 411 8.08 10.35 -34.84
CA ASP A 411 6.73 10.86 -34.93
C ASP A 411 6.77 12.39 -34.92
N LYS A 412 5.60 13.03 -34.83
CA LYS A 412 5.54 14.49 -34.98
C LYS A 412 6.09 15.23 -33.76
N ASN A 413 6.32 14.55 -32.64
CA ASN A 413 6.99 15.11 -31.48
C ASN A 413 8.46 14.75 -31.40
N GLY A 414 9.01 14.03 -32.37
CA GLY A 414 10.41 13.68 -32.33
C GLY A 414 10.75 12.46 -31.50
N ARG A 415 9.76 11.65 -31.15
CA ARG A 415 9.96 10.39 -30.44
C ARG A 415 10.02 9.23 -31.45
N VAL A 416 10.59 8.10 -31.01
CA VAL A 416 10.90 6.99 -31.90
C VAL A 416 9.72 6.04 -32.01
N VAL A 417 9.31 5.76 -33.25
CA VAL A 417 8.18 4.85 -33.51
C VAL A 417 8.67 3.41 -33.43
N CYS A 418 8.10 2.64 -32.50
CA CYS A 418 8.59 1.28 -32.21
C CYS A 418 7.46 0.28 -32.31
N THR A 419 7.81 -0.96 -32.63
CA THR A 419 6.87 -2.06 -32.47
C THR A 419 6.78 -2.46 -30.99
N ASP A 420 5.84 -3.38 -30.68
CA ASP A 420 5.59 -3.72 -29.29
C ASP A 420 6.73 -4.52 -28.65
N ASP A 421 7.84 -4.73 -29.36
CA ASP A 421 9.03 -5.32 -28.76
C ASP A 421 10.19 -4.34 -28.81
N GLU A 422 9.90 -3.04 -28.92
CA GLU A 422 10.85 -1.94 -28.92
C GLU A 422 11.70 -1.82 -30.20
N GLN A 423 11.36 -2.55 -31.28
CA GLN A 423 12.11 -2.45 -32.53
C GLN A 423 11.74 -1.18 -33.30
N THR A 424 12.75 -0.47 -33.81
CA THR A 424 12.54 0.69 -34.68
C THR A 424 12.36 0.20 -36.13
N THR A 425 12.35 1.13 -37.08
CA THR A 425 12.27 0.78 -38.50
C THR A 425 13.59 0.25 -39.07
N VAL A 426 14.66 0.26 -38.27
CA VAL A 426 15.93 -0.37 -38.60
C VAL A 426 16.07 -1.61 -37.72
N SER A 427 16.17 -2.78 -38.35
CA SER A 427 15.84 -4.04 -37.68
C SER A 427 16.77 -4.37 -36.50
N ASN A 428 18.03 -3.92 -36.52
CA ASN A 428 18.94 -4.17 -35.40
C ASN A 428 18.93 -3.06 -34.35
N VAL A 429 18.04 -2.07 -34.46
CA VAL A 429 18.07 -0.88 -33.60
C VAL A 429 16.77 -0.82 -32.80
N TYR A 430 16.90 -0.65 -31.48
CA TYR A 430 15.76 -0.57 -30.58
C TYR A 430 15.79 0.76 -29.82
N ALA A 431 14.68 1.07 -29.15
CA ALA A 431 14.59 2.29 -28.36
C ALA A 431 13.78 2.03 -27.10
N ILE A 432 14.19 2.62 -25.98
CA ILE A 432 13.53 2.39 -24.69
C ILE A 432 13.43 3.68 -23.89
N GLY A 433 12.56 3.66 -22.89
CA GLY A 433 12.45 4.79 -21.97
C GLY A 433 11.70 5.94 -22.62
N ASP A 434 12.03 7.17 -22.19
CA ASP A 434 11.18 8.32 -22.50
C ASP A 434 11.08 8.62 -24.00
N ILE A 435 12.05 8.21 -24.83
CA ILE A 435 11.96 8.51 -26.27
C ILE A 435 11.14 7.49 -27.07
N ASN A 436 10.68 6.40 -26.45
CA ASN A 436 9.75 5.47 -27.10
C ASN A 436 8.38 6.13 -27.19
N ALA A 437 7.91 6.41 -28.42
CA ALA A 437 6.66 7.13 -28.63
C ALA A 437 5.46 6.43 -28.00
N GLY A 438 4.62 7.22 -27.33
CA GLY A 438 3.36 6.75 -26.80
C GLY A 438 3.44 5.96 -25.49
N LYS A 439 4.67 5.73 -24.94
CA LYS A 439 4.76 4.93 -23.71
C LYS A 439 4.77 5.84 -22.49
N PRO A 440 4.31 5.33 -21.33
CA PRO A 440 4.42 6.12 -20.09
C PRO A 440 5.87 6.43 -19.80
N GLN A 441 6.11 7.69 -19.41
CA GLN A 441 7.46 8.19 -19.23
C GLN A 441 7.80 8.09 -17.74
N LEU A 442 8.25 6.91 -17.31
CA LEU A 442 8.51 6.64 -15.90
C LEU A 442 9.72 5.72 -15.77
N THR A 443 10.44 5.86 -14.64
CA THR A 443 11.67 5.08 -14.46
C THR A 443 11.43 3.58 -14.36
N PRO A 444 10.47 3.08 -13.57
CA PRO A 444 10.21 1.63 -13.57
C PRO A 444 9.81 1.05 -14.92
N VAL A 445 9.16 1.84 -15.78
CA VAL A 445 8.83 1.37 -17.12
C VAL A 445 10.09 1.21 -17.97
N ALA A 446 10.98 2.20 -17.92
CA ALA A 446 12.22 2.15 -18.68
C ALA A 446 13.11 0.99 -18.24
N ILE A 447 13.21 0.76 -16.93
CA ILE A 447 13.96 -0.38 -16.36
C ILE A 447 13.35 -1.71 -16.84
N GLN A 448 12.03 -1.86 -16.72
CA GLN A 448 11.40 -3.13 -17.13
C GLN A 448 11.61 -3.41 -18.63
N ALA A 449 11.43 -2.37 -19.45
CA ALA A 449 11.60 -2.52 -20.90
C ALA A 449 13.03 -2.90 -21.25
N GLY A 450 14.01 -2.26 -20.60
CA GLY A 450 15.40 -2.54 -20.91
C GLY A 450 15.84 -3.93 -20.50
N ARG A 451 15.44 -4.38 -19.31
CA ARG A 451 15.81 -5.73 -18.86
C ARG A 451 15.10 -6.81 -19.67
N TYR A 452 13.83 -6.60 -19.99
CA TYR A 452 13.08 -7.58 -20.77
C TYR A 452 13.62 -7.69 -22.20
N LEU A 453 13.97 -6.55 -22.82
CA LEU A 453 14.56 -6.55 -24.16
C LEU A 453 15.90 -7.27 -24.18
N ALA A 454 16.78 -6.99 -23.21
CA ALA A 454 18.06 -7.67 -23.16
C ALA A 454 17.89 -9.18 -23.08
N ARG A 455 16.89 -9.65 -22.34
CA ARG A 455 16.64 -11.08 -22.25
C ARG A 455 16.18 -11.68 -23.58
N ARG A 456 15.36 -10.95 -24.35
CA ARG A 456 14.93 -11.48 -25.64
C ARG A 456 16.08 -11.52 -26.65
N LEU A 457 16.94 -10.49 -26.67
CA LEU A 457 18.03 -10.45 -27.64
C LEU A 457 19.08 -11.53 -27.36
N PHE A 458 19.44 -11.72 -26.08
CA PHE A 458 20.62 -12.53 -25.79
C PHE A 458 20.37 -13.81 -25.00
N ALA A 459 19.14 -14.10 -24.57
CA ALA A 459 18.87 -15.30 -23.81
C ALA A 459 17.63 -16.06 -24.29
N GLY A 460 17.03 -15.69 -25.42
CA GLY A 460 15.93 -16.45 -26.00
C GLY A 460 14.59 -16.28 -25.31
N ALA A 461 14.44 -15.28 -24.44
CA ALA A 461 13.17 -15.04 -23.75
C ALA A 461 12.13 -14.52 -24.73
N THR A 462 10.86 -14.68 -24.36
CA THR A 462 9.81 -14.15 -25.20
C THR A 462 8.93 -13.10 -24.54
N GLU A 463 9.06 -12.86 -23.24
CA GLU A 463 8.15 -11.96 -22.54
C GLU A 463 8.29 -10.53 -23.05
N LEU A 464 7.16 -9.89 -23.32
CA LEU A 464 7.08 -8.47 -23.67
C LEU A 464 6.75 -7.64 -22.43
N THR A 465 7.07 -6.33 -22.49
CA THR A 465 6.68 -5.37 -21.47
C THR A 465 5.21 -4.97 -21.65
N ASP A 466 4.44 -4.95 -20.55
CA ASP A 466 3.03 -4.57 -20.57
C ASP A 466 2.94 -3.13 -20.10
N TYR A 467 2.56 -2.25 -21.01
CA TYR A 467 2.47 -0.81 -20.72
C TYR A 467 1.07 -0.35 -20.29
N SER A 468 0.12 -1.26 -20.05
CA SER A 468 -1.25 -0.86 -19.71
C SER A 468 -1.47 -0.79 -18.19
N ASN A 469 -2.22 0.24 -17.76
CA ASN A 469 -2.63 0.39 -16.36
C ASN A 469 -1.42 0.50 -15.42
N VAL A 470 -0.42 1.28 -15.82
CA VAL A 470 0.76 1.46 -14.98
C VAL A 470 0.46 2.52 -13.92
N ALA A 471 0.67 2.18 -12.66
CA ALA A 471 0.29 3.12 -11.61
C ALA A 471 1.29 4.27 -11.55
N THR A 472 0.86 5.39 -10.94
CA THR A 472 1.63 6.62 -10.81
C THR A 472 1.40 7.21 -9.41
N THR A 473 2.30 8.10 -8.97
CA THR A 473 2.05 8.91 -7.79
C THR A 473 2.71 10.28 -7.99
N VAL A 474 1.93 11.34 -7.75
CA VAL A 474 2.39 12.73 -7.75
C VAL A 474 2.68 13.12 -6.30
N PHE A 475 3.94 13.49 -6.04
CA PHE A 475 4.40 13.75 -4.67
C PHE A 475 4.27 15.23 -4.33
N THR A 476 3.02 15.71 -4.41
CA THR A 476 2.64 17.03 -3.93
C THR A 476 2.56 17.01 -2.39
N PRO A 477 2.44 18.18 -1.72
CA PRO A 477 2.35 18.17 -0.24
C PRO A 477 1.35 17.15 0.33
N LEU A 478 0.13 17.07 -0.20
CA LEU A 478 -0.73 15.89 -0.04
C LEU A 478 -0.63 15.05 -1.33
N GLU A 479 -0.21 13.79 -1.21
CA GLU A 479 0.15 13.00 -2.38
C GLU A 479 -1.09 12.46 -3.09
N TYR A 480 -0.94 12.17 -4.39
CA TYR A 480 -2.06 11.69 -5.23
C TYR A 480 -1.60 10.45 -6.00
N GLY A 481 -2.15 9.28 -5.65
CA GLY A 481 -1.84 8.05 -6.35
C GLY A 481 -2.98 7.64 -7.27
N ALA A 482 -2.64 7.00 -8.40
CA ALA A 482 -3.65 6.59 -9.37
C ALA A 482 -3.21 5.34 -10.13
N CYS A 483 -4.19 4.53 -10.54
CA CYS A 483 -3.97 3.38 -11.44
C CYS A 483 -5.18 3.20 -12.36
N GLY A 484 -4.96 3.35 -13.68
CA GLY A 484 -6.00 3.10 -14.67
C GLY A 484 -6.61 4.39 -15.21
N LEU A 485 -7.90 4.36 -15.59
CA LEU A 485 -8.54 5.50 -16.27
C LEU A 485 -9.02 6.56 -15.29
N SER A 486 -8.98 7.83 -15.73
CA SER A 486 -9.70 8.90 -15.04
C SER A 486 -11.21 8.68 -15.17
N GLU A 487 -11.98 9.38 -14.33
CA GLU A 487 -13.43 9.24 -14.41
C GLU A 487 -13.97 9.79 -15.73
N GLU A 488 -13.42 10.93 -16.21
CA GLU A 488 -13.90 11.51 -17.48
C GLU A 488 -13.54 10.65 -18.68
N ASP A 489 -12.35 10.02 -18.69
CA ASP A 489 -12.02 9.10 -19.78
C ASP A 489 -12.90 7.86 -19.78
N ALA A 490 -13.22 7.31 -18.59
CA ALA A 490 -14.08 6.13 -18.57
C ALA A 490 -15.47 6.43 -19.13
N ILE A 491 -16.02 7.61 -18.77
CA ILE A 491 -17.32 8.03 -19.27
C ILE A 491 -17.26 8.29 -20.77
N GLU A 492 -16.15 8.86 -21.26
CA GLU A 492 -16.01 9.07 -22.70
C GLU A 492 -16.03 7.75 -23.46
N LYS A 493 -15.37 6.72 -22.93
CA LYS A 493 -15.21 5.45 -23.63
C LYS A 493 -16.45 4.56 -23.57
N TYR A 494 -17.23 4.63 -22.49
CA TYR A 494 -18.34 3.69 -22.30
C TYR A 494 -19.70 4.35 -22.14
N GLY A 495 -19.75 5.67 -21.98
CA GLY A 495 -21.00 6.34 -21.72
C GLY A 495 -21.34 6.39 -20.25
N ASP A 496 -22.06 7.44 -19.87
CA ASP A 496 -22.35 7.70 -18.47
C ASP A 496 -23.15 6.57 -17.82
N LYS A 497 -24.13 6.00 -18.53
CA LYS A 497 -25.01 5.04 -17.88
C LYS A 497 -24.33 3.70 -17.60
N ASP A 498 -23.19 3.42 -18.22
CA ASP A 498 -22.42 2.21 -17.96
C ASP A 498 -21.32 2.38 -16.90
N ILE A 499 -21.24 3.54 -16.23
CA ILE A 499 -20.17 3.84 -15.27
C ILE A 499 -20.77 4.12 -13.91
N GLU A 500 -20.27 3.41 -12.89
CA GLU A 500 -20.59 3.67 -11.50
C GLU A 500 -19.30 4.08 -10.78
N VAL A 501 -19.39 5.10 -9.93
CA VAL A 501 -18.26 5.60 -9.14
C VAL A 501 -18.59 5.51 -7.66
N TYR A 502 -17.77 4.78 -6.92
CA TYR A 502 -17.85 4.69 -5.46
C TYR A 502 -16.80 5.62 -4.86
N HIS A 503 -17.17 6.39 -3.82
CA HIS A 503 -16.19 7.34 -3.27
C HIS A 503 -16.47 7.61 -1.79
N SER A 504 -15.45 8.15 -1.12
CA SER A 504 -15.52 8.50 0.30
C SER A 504 -14.42 9.51 0.64
N ASN A 505 -14.71 10.45 1.53
CA ASN A 505 -13.66 11.14 2.24
C ASN A 505 -13.12 10.27 3.37
N PHE A 506 -11.96 10.66 3.90
CA PHE A 506 -11.40 9.98 5.07
C PHE A 506 -10.41 10.90 5.79
N LYS A 507 -10.16 10.55 7.05
CA LYS A 507 -9.24 11.28 7.92
C LYS A 507 -8.22 10.29 8.46
N PRO A 508 -6.92 10.49 8.24
CA PRO A 508 -5.92 9.60 8.83
C PRO A 508 -6.00 9.67 10.35
N LEU A 509 -5.78 8.52 11.01
CA LEU A 509 -5.77 8.53 12.48
C LEU A 509 -4.69 9.48 13.03
N GLU A 510 -3.49 9.47 12.42
CA GLU A 510 -2.41 10.40 12.77
C GLU A 510 -2.81 11.87 12.73
N TRP A 511 -3.90 12.25 12.03
CA TRP A 511 -4.29 13.64 11.91
C TRP A 511 -5.25 14.10 13.01
N THR A 512 -5.77 13.18 13.83
CA THR A 512 -6.81 13.53 14.79
C THR A 512 -6.23 14.34 15.95
N VAL A 513 -5.32 13.72 16.71
CA VAL A 513 -4.65 14.41 17.81
C VAL A 513 -3.89 15.63 17.28
N ALA A 514 -3.44 15.59 16.03
CA ALA A 514 -2.69 16.70 15.44
C ALA A 514 -3.57 17.86 14.98
N HIS A 515 -4.91 17.70 15.06
CA HIS A 515 -5.88 18.74 14.68
C HIS A 515 -5.78 19.16 13.20
N ARG A 516 -5.58 18.18 12.31
CA ARG A 516 -5.55 18.46 10.88
C ARG A 516 -6.96 18.28 10.29
N GLU A 517 -7.11 18.54 8.99
CA GLU A 517 -8.43 18.65 8.36
C GLU A 517 -9.22 17.33 8.33
N ASP A 518 -10.55 17.46 8.43
CA ASP A 518 -11.48 16.33 8.56
C ASP A 518 -11.83 15.67 7.23
N ASN A 519 -12.03 16.48 6.17
CA ASN A 519 -12.64 16.00 4.94
C ASN A 519 -11.82 16.42 3.73
N VAL A 520 -10.50 16.34 3.82
CA VAL A 520 -9.63 16.71 2.71
C VAL A 520 -9.15 15.48 1.93
N CYS A 521 -8.68 14.44 2.62
CA CYS A 521 -8.30 13.23 1.89
C CYS A 521 -9.53 12.60 1.25
N TYR A 522 -9.32 11.86 0.16
CA TYR A 522 -10.39 11.47 -0.75
C TYR A 522 -9.96 10.26 -1.58
N MET A 523 -10.94 9.40 -1.90
CA MET A 523 -10.69 8.20 -2.68
C MET A 523 -11.94 7.79 -3.44
N LYS A 524 -11.74 7.17 -4.61
CA LYS A 524 -12.87 6.74 -5.44
C LYS A 524 -12.46 5.57 -6.32
N LEU A 525 -13.44 4.72 -6.64
CA LEU A 525 -13.30 3.64 -7.62
C LEU A 525 -14.26 3.90 -8.78
N VAL A 526 -13.73 3.92 -10.00
CA VAL A 526 -14.50 4.13 -11.23
C VAL A 526 -14.72 2.76 -11.88
N CYS A 527 -15.99 2.33 -12.00
CA CYS A 527 -16.33 0.95 -12.34
C CYS A 527 -17.27 0.88 -13.54
N ARG A 528 -17.24 -0.26 -14.25
CA ARG A 528 -18.05 -0.50 -15.45
C ARG A 528 -19.18 -1.47 -15.13
N LYS A 529 -20.42 -0.96 -15.16
CA LYS A 529 -21.58 -1.77 -14.79
C LYS A 529 -21.69 -3.04 -15.64
N SER A 530 -21.55 -2.91 -16.97
CA SER A 530 -21.84 -4.08 -17.82
C SER A 530 -20.76 -5.15 -17.78
N ASP A 531 -19.65 -4.94 -17.06
CA ASP A 531 -18.60 -5.95 -17.01
C ASP A 531 -18.33 -6.34 -15.54
N ASN A 532 -19.37 -6.87 -14.88
CA ASN A 532 -19.33 -7.30 -13.47
C ASN A 532 -18.75 -6.23 -12.54
N MET A 533 -18.93 -4.97 -12.92
CA MET A 533 -18.52 -3.81 -12.13
C MET A 533 -17.00 -3.81 -11.97
N ARG A 534 -16.32 -4.08 -13.11
CA ARG A 534 -14.87 -4.05 -13.21
C ARG A 534 -14.30 -2.72 -12.76
N VAL A 535 -13.21 -2.75 -12.01
CA VAL A 535 -12.53 -1.52 -11.60
C VAL A 535 -11.69 -1.02 -12.78
N LEU A 536 -12.12 0.11 -13.37
CA LEU A 536 -11.43 0.74 -14.49
C LEU A 536 -10.34 1.73 -14.05
N GLY A 537 -10.49 2.35 -12.87
CA GLY A 537 -9.46 3.22 -12.34
C GLY A 537 -9.62 3.42 -10.85
N LEU A 538 -8.47 3.58 -10.17
CA LEU A 538 -8.40 3.83 -8.73
C LEU A 538 -7.64 5.13 -8.50
N HIS A 539 -8.13 5.97 -7.56
CA HIS A 539 -7.60 7.30 -7.26
C HIS A 539 -7.59 7.55 -5.75
N VAL A 540 -6.45 8.01 -5.19
CA VAL A 540 -6.39 8.34 -3.77
C VAL A 540 -5.54 9.59 -3.54
N LEU A 541 -6.09 10.54 -2.77
CA LEU A 541 -5.40 11.74 -2.29
C LEU A 541 -5.20 11.57 -0.78
N GLY A 542 -3.94 11.49 -0.32
CA GLY A 542 -3.64 11.32 1.09
C GLY A 542 -2.17 11.02 1.36
N PRO A 543 -1.79 10.90 2.62
CA PRO A 543 -0.40 10.56 2.93
C PRO A 543 -0.03 9.16 2.46
N ASN A 544 1.25 8.99 2.11
CA ASN A 544 1.79 7.70 1.66
C ASN A 544 0.96 7.11 0.50
N ALA A 545 0.51 7.99 -0.42
CA ALA A 545 -0.36 7.57 -1.53
C ALA A 545 0.31 6.52 -2.43
N GLY A 546 1.62 6.62 -2.65
CA GLY A 546 2.32 5.62 -3.45
C GLY A 546 2.39 4.26 -2.78
N GLU A 547 2.62 4.22 -1.46
CA GLU A 547 2.58 2.93 -0.77
C GLU A 547 1.16 2.34 -0.78
N ILE A 548 0.15 3.19 -0.65
CA ILE A 548 -1.24 2.74 -0.68
C ILE A 548 -1.56 2.08 -2.02
N THR A 549 -1.17 2.74 -3.12
CA THR A 549 -1.61 2.37 -4.47
C THR A 549 -0.87 1.14 -5.00
N GLN A 550 0.43 1.00 -4.70
CA GLN A 550 1.23 -0.01 -5.39
C GLN A 550 0.54 -1.39 -5.40
N GLY A 551 0.15 -1.88 -4.22
CA GLY A 551 -0.40 -3.22 -4.11
C GLY A 551 -1.65 -3.45 -4.97
N TYR A 552 -2.57 -2.46 -4.98
CA TYR A 552 -3.79 -2.58 -5.79
C TYR A 552 -3.49 -2.70 -7.29
N ALA A 553 -2.36 -2.17 -7.75
CA ALA A 553 -2.02 -2.28 -9.17
C ALA A 553 -1.89 -3.74 -9.62
N VAL A 554 -1.50 -4.64 -8.71
CA VAL A 554 -1.53 -6.07 -9.05
C VAL A 554 -2.98 -6.54 -9.23
N ALA A 555 -3.87 -6.15 -8.33
CA ALA A 555 -5.26 -6.62 -8.45
C ALA A 555 -5.90 -6.13 -9.75
N ILE A 556 -5.64 -4.87 -10.13
CA ILE A 556 -6.21 -4.32 -11.36
C ILE A 556 -5.61 -5.04 -12.57
N LYS A 557 -4.32 -5.36 -12.53
CA LYS A 557 -3.69 -6.11 -13.62
C LYS A 557 -4.40 -7.45 -13.83
N MET A 558 -4.85 -8.08 -12.74
CA MET A 558 -5.61 -9.32 -12.77
C MET A 558 -7.11 -9.16 -13.05
N GLY A 559 -7.61 -7.93 -13.27
CA GLY A 559 -9.03 -7.72 -13.58
C GLY A 559 -10.00 -7.59 -12.41
N ALA A 560 -9.59 -6.91 -11.33
CA ALA A 560 -10.40 -6.84 -10.12
C ALA A 560 -11.75 -6.17 -10.37
N THR A 561 -12.78 -6.65 -9.67
CA THR A 561 -14.12 -6.06 -9.69
C THR A 561 -14.40 -5.40 -8.36
N LYS A 562 -15.48 -4.62 -8.29
CA LYS A 562 -15.91 -4.12 -6.98
C LYS A 562 -16.11 -5.26 -5.98
N ALA A 563 -16.63 -6.41 -6.45
CA ALA A 563 -16.89 -7.51 -5.53
C ALA A 563 -15.60 -8.04 -4.91
N ASP A 564 -14.50 -8.01 -5.66
CA ASP A 564 -13.22 -8.45 -5.11
C ASP A 564 -12.76 -7.53 -3.98
N PHE A 565 -12.99 -6.23 -4.13
CA PHE A 565 -12.66 -5.28 -3.07
C PHE A 565 -13.54 -5.50 -1.84
N ASP A 566 -14.82 -5.84 -2.04
CA ASP A 566 -15.73 -6.02 -0.90
C ASP A 566 -15.40 -7.27 -0.08
N ARG A 567 -15.00 -8.37 -0.74
CA ARG A 567 -14.74 -9.62 -0.02
C ARG A 567 -13.40 -9.63 0.69
N THR A 568 -12.46 -8.78 0.29
CA THR A 568 -11.21 -8.60 1.01
C THR A 568 -11.45 -7.78 2.27
N ILE A 569 -10.78 -8.14 3.38
CA ILE A 569 -10.94 -7.50 4.68
C ILE A 569 -9.87 -6.42 4.88
N GLY A 570 -10.23 -5.34 5.60
CA GLY A 570 -9.26 -4.28 5.88
C GLY A 570 -8.23 -4.65 6.94
N ILE A 571 -7.08 -3.95 6.87
CA ILE A 571 -6.09 -3.87 7.95
C ILE A 571 -6.35 -2.59 8.73
N HIS A 572 -6.52 -2.70 10.07
CA HIS A 572 -6.93 -1.55 10.88
C HIS A 572 -5.90 -1.27 11.98
N PRO A 573 -5.59 0.02 12.27
CA PRO A 573 -6.03 1.26 11.57
C PRO A 573 -5.07 1.68 10.44
N THR A 574 -5.58 1.81 9.20
CA THR A 574 -4.82 2.31 8.06
C THR A 574 -5.72 3.26 7.27
N CYS A 575 -5.08 4.07 6.42
CA CYS A 575 -5.77 4.80 5.35
C CYS A 575 -6.23 3.85 4.24
N SER A 576 -5.38 2.89 3.84
CA SER A 576 -5.68 2.03 2.69
C SER A 576 -6.95 1.17 2.91
N GLU A 577 -7.27 0.80 4.14
CA GLU A 577 -8.45 -0.06 4.39
C GLU A 577 -9.77 0.56 3.93
N THR A 578 -9.83 1.89 3.76
CA THR A 578 -11.08 2.53 3.31
C THR A 578 -11.52 2.02 1.94
N PHE A 579 -10.59 1.57 1.10
CA PHE A 579 -10.95 1.01 -0.21
C PHE A 579 -11.77 -0.27 -0.08
N THR A 580 -11.80 -0.91 1.09
CA THR A 580 -12.45 -2.22 1.21
C THR A 580 -13.89 -2.13 1.68
N THR A 581 -14.39 -0.92 2.02
CA THR A 581 -15.74 -0.75 2.54
C THR A 581 -16.49 0.38 1.82
N LEU A 582 -16.11 0.70 0.58
CA LEU A 582 -16.76 1.80 -0.15
C LEU A 582 -18.19 1.43 -0.50
N HIS A 583 -19.12 2.39 -0.37
CA HIS A 583 -20.51 2.08 -0.69
C HIS A 583 -21.30 3.26 -1.27
N VAL A 584 -20.90 4.51 -1.01
CA VAL A 584 -21.62 5.67 -1.53
C VAL A 584 -21.31 5.86 -3.01
N THR A 585 -22.36 5.93 -3.85
CA THR A 585 -22.15 6.13 -5.28
C THR A 585 -22.35 7.60 -5.62
N LYS A 586 -21.71 8.05 -6.71
CA LYS A 586 -21.97 9.42 -7.14
C LYS A 586 -23.41 9.62 -7.61
N LYS A 587 -24.01 8.57 -8.18
CA LYS A 587 -25.36 8.75 -8.69
C LYS A 587 -26.38 8.90 -7.57
N SER A 588 -26.12 8.31 -6.40
CA SER A 588 -27.06 8.42 -5.30
C SER A 588 -27.21 9.86 -4.83
N GLY A 589 -26.22 10.71 -5.08
CA GLY A 589 -26.20 12.04 -4.51
C GLY A 589 -25.96 12.10 -3.01
N VAL A 590 -25.69 10.97 -2.35
CA VAL A 590 -25.37 10.98 -0.92
C VAL A 590 -23.99 11.59 -0.70
N SER A 591 -23.84 12.36 0.39
CA SER A 591 -22.55 12.99 0.68
C SER A 591 -21.45 11.98 0.99
N PRO A 592 -20.24 12.20 0.48
CA PRO A 592 -19.11 11.31 0.81
C PRO A 592 -18.34 11.69 2.07
N ILE A 593 -18.74 12.71 2.82
CA ILE A 593 -17.92 13.13 3.96
C ILE A 593 -18.05 12.15 5.11
N VAL A 594 -17.20 12.30 6.13
CA VAL A 594 -17.10 11.36 7.25
C VAL A 594 -17.83 11.85 8.51
N GLY B 7 -32.94 -24.32 -3.28
CA GLY B 7 -33.98 -23.82 -4.15
C GLY B 7 -34.32 -22.36 -3.91
N THR B 8 -34.79 -21.69 -4.96
CA THR B 8 -35.28 -20.33 -4.82
C THR B 8 -36.40 -20.24 -3.78
N SER B 9 -37.22 -21.28 -3.68
CA SER B 9 -38.38 -21.24 -2.80
C SER B 9 -37.99 -21.26 -1.33
N GLN B 10 -36.94 -22.01 -0.97
CA GLN B 10 -36.52 -22.04 0.43
C GLN B 10 -35.70 -20.81 0.82
N TRP B 11 -35.03 -20.16 -0.13
CA TRP B 11 -34.54 -18.82 0.12
C TRP B 11 -35.68 -17.87 0.46
N LEU B 12 -36.66 -17.77 -0.45
CA LEU B 12 -37.77 -16.84 -0.27
C LEU B 12 -38.47 -17.07 1.05
N ARG B 13 -38.60 -18.33 1.45
CA ARG B 13 -39.22 -18.68 2.71
C ARG B 13 -38.48 -18.08 3.90
N LYS B 14 -37.16 -18.32 3.97
CA LYS B 14 -36.37 -17.82 5.09
C LYS B 14 -36.33 -16.30 5.12
N THR B 15 -36.29 -15.67 3.94
CA THR B 15 -36.31 -14.21 3.85
C THR B 15 -37.61 -13.64 4.41
N VAL B 16 -38.75 -14.22 4.01
CA VAL B 16 -40.04 -13.74 4.48
C VAL B 16 -40.19 -13.93 6.00
N ASP B 17 -39.82 -15.11 6.52
CA ASP B 17 -39.98 -15.35 7.94
C ASP B 17 -39.12 -14.41 8.78
N SER B 18 -37.92 -14.07 8.31
CA SER B 18 -36.93 -13.36 9.12
C SER B 18 -37.00 -11.83 8.95
N ALA B 19 -37.42 -11.33 7.79
CA ALA B 19 -37.45 -9.89 7.59
C ALA B 19 -38.44 -9.22 8.54
N ALA B 20 -38.09 -8.01 8.99
CA ALA B 20 -39.00 -7.26 9.85
C ALA B 20 -40.07 -6.55 9.03
N VAL B 21 -39.66 -5.81 8.00
CA VAL B 21 -40.57 -5.17 7.04
C VAL B 21 -39.88 -5.21 5.68
N ILE B 22 -40.47 -5.92 4.71
CA ILE B 22 -39.84 -6.09 3.41
C ILE B 22 -40.85 -5.87 2.29
N LEU B 23 -40.41 -5.20 1.22
CA LEU B 23 -41.22 -4.89 0.05
C LEU B 23 -40.58 -5.53 -1.17
N PHE B 24 -41.36 -6.35 -1.89
CA PHE B 24 -40.95 -6.90 -3.16
C PHE B 24 -41.45 -5.98 -4.26
N SER B 25 -40.55 -5.54 -5.14
CA SER B 25 -40.81 -4.39 -6.00
C SER B 25 -40.19 -4.60 -7.37
N LYS B 26 -40.45 -3.63 -8.26
CA LYS B 26 -39.77 -3.49 -9.54
C LYS B 26 -39.57 -2.00 -9.82
N THR B 27 -38.39 -1.67 -10.36
CA THR B 27 -37.98 -0.27 -10.48
C THR B 27 -38.85 0.54 -11.42
N THR B 28 -39.58 -0.12 -12.32
CA THR B 28 -40.35 0.54 -13.36
C THR B 28 -41.84 0.69 -13.02
N CYS B 29 -42.29 0.14 -11.89
CA CYS B 29 -43.71 0.12 -11.57
C CYS B 29 -44.09 1.34 -10.74
N PRO B 30 -44.94 2.23 -11.26
CA PRO B 30 -45.37 3.40 -10.46
C PRO B 30 -46.28 3.05 -9.29
N TYR B 31 -46.76 1.81 -9.18
CA TYR B 31 -47.50 1.42 -7.99
C TYR B 31 -46.56 1.15 -6.82
N CYS B 32 -45.47 0.42 -7.08
CA CYS B 32 -44.41 0.31 -6.07
C CYS B 32 -43.94 1.69 -5.64
N LYS B 33 -43.85 2.64 -6.59
CA LYS B 33 -43.42 4.00 -6.26
C LYS B 33 -44.38 4.68 -5.29
N LYS B 34 -45.69 4.53 -5.52
CA LYS B 34 -46.66 5.10 -4.58
C LYS B 34 -46.50 4.50 -3.20
N VAL B 35 -46.28 3.17 -3.13
CA VAL B 35 -46.10 2.51 -1.84
C VAL B 35 -44.80 2.99 -1.18
N LYS B 36 -43.70 3.02 -1.93
CA LYS B 36 -42.43 3.49 -1.37
C LYS B 36 -42.60 4.85 -0.71
N ASP B 37 -43.28 5.77 -1.38
CA ASP B 37 -43.43 7.12 -0.88
C ASP B 37 -44.33 7.16 0.37
N VAL B 38 -45.40 6.36 0.38
CA VAL B 38 -46.23 6.25 1.57
C VAL B 38 -45.40 5.79 2.77
N LEU B 39 -44.60 4.74 2.59
CA LEU B 39 -43.77 4.25 3.69
C LEU B 39 -42.72 5.29 4.09
N ALA B 40 -42.17 6.01 3.11
CA ALA B 40 -41.20 7.06 3.41
C ALA B 40 -41.83 8.17 4.24
N GLU B 41 -43.08 8.54 3.94
CA GLU B 41 -43.70 9.67 4.65
C GLU B 41 -44.10 9.28 6.06
N ALA B 42 -44.63 8.06 6.24
CA ALA B 42 -44.99 7.57 7.57
C ALA B 42 -43.77 7.17 8.42
N LYS B 43 -42.57 7.44 7.89
CA LYS B 43 -41.32 7.18 8.61
C LYS B 43 -41.18 5.69 8.94
N ILE B 44 -41.49 4.84 7.96
CA ILE B 44 -41.38 3.39 8.09
C ILE B 44 -40.18 2.93 7.28
N LYS B 45 -39.15 2.42 7.96
CA LYS B 45 -38.00 1.84 7.29
C LYS B 45 -38.27 0.37 6.95
N HIS B 46 -37.62 -0.10 5.88
CA HIS B 46 -37.89 -1.44 5.37
C HIS B 46 -36.82 -1.84 4.37
N ALA B 47 -36.68 -3.14 4.16
CA ALA B 47 -35.89 -3.70 3.08
C ALA B 47 -36.70 -3.70 1.78
N THR B 48 -35.99 -3.69 0.64
CA THR B 48 -36.64 -3.73 -0.66
C THR B 48 -35.89 -4.69 -1.56
N ILE B 49 -36.61 -5.59 -2.21
CA ILE B 49 -36.04 -6.53 -3.17
C ILE B 49 -36.61 -6.20 -4.55
N GLU B 50 -35.76 -5.70 -5.45
CA GLU B 50 -36.20 -5.26 -6.78
C GLU B 50 -36.11 -6.43 -7.75
N LEU B 51 -37.26 -7.02 -8.10
CA LEU B 51 -37.23 -8.29 -8.83
C LEU B 51 -36.71 -8.15 -10.25
N ASP B 52 -36.81 -6.96 -10.85
CA ASP B 52 -36.38 -6.76 -12.24
C ASP B 52 -34.88 -6.52 -12.31
N GLN B 53 -34.13 -7.06 -11.34
CA GLN B 53 -32.68 -6.93 -11.34
C GLN B 53 -32.03 -8.27 -11.04
N LEU B 54 -32.72 -9.13 -10.30
CA LEU B 54 -32.23 -10.49 -10.07
C LEU B 54 -32.57 -11.37 -11.27
N SER B 55 -31.71 -12.36 -11.52
CA SER B 55 -31.86 -13.15 -12.73
C SER B 55 -33.08 -14.06 -12.69
N ASN B 56 -33.44 -14.60 -11.52
CA ASN B 56 -34.62 -15.45 -11.40
C ASN B 56 -35.75 -14.73 -10.65
N GLY B 57 -35.89 -13.42 -10.89
CA GLY B 57 -37.04 -12.70 -10.37
C GLY B 57 -38.37 -13.29 -10.80
N SER B 58 -38.41 -13.87 -12.01
CA SER B 58 -39.61 -14.55 -12.48
C SER B 58 -39.99 -15.69 -11.54
N ALA B 59 -39.00 -16.51 -11.17
CA ALA B 59 -39.27 -17.62 -10.26
C ALA B 59 -39.77 -17.12 -8.92
N ILE B 60 -39.16 -16.04 -8.42
CA ILE B 60 -39.51 -15.51 -7.10
C ILE B 60 -40.95 -15.00 -7.09
N GLN B 61 -41.30 -14.24 -8.14
CA GLN B 61 -42.68 -13.75 -8.27
C GLN B 61 -43.67 -14.89 -8.17
N LYS B 62 -43.35 -16.02 -8.79
CA LYS B 62 -44.19 -17.21 -8.68
C LYS B 62 -44.32 -17.68 -7.24
N CYS B 63 -43.19 -17.82 -6.52
CA CYS B 63 -43.24 -18.38 -5.17
C CYS B 63 -43.87 -17.44 -4.14
N LEU B 64 -43.87 -16.12 -4.41
CA LEU B 64 -44.60 -15.20 -3.53
C LEU B 64 -46.06 -15.62 -3.35
N ALA B 65 -46.65 -16.22 -4.39
CA ALA B 65 -48.05 -16.64 -4.30
C ALA B 65 -48.27 -17.67 -3.19
N SER B 66 -47.24 -18.45 -2.84
CA SER B 66 -47.38 -19.41 -1.73
C SER B 66 -47.69 -18.73 -0.41
N PHE B 67 -47.39 -17.43 -0.30
CA PHE B 67 -47.67 -16.65 0.90
C PHE B 67 -48.83 -15.69 0.73
N SER B 68 -48.98 -15.08 -0.45
CA SER B 68 -49.94 -14.01 -0.67
C SER B 68 -51.09 -14.39 -1.59
N LYS B 69 -50.95 -15.50 -2.33
CA LYS B 69 -51.90 -15.92 -3.35
C LYS B 69 -51.99 -14.93 -4.51
N ILE B 70 -50.98 -14.06 -4.69
CA ILE B 70 -50.91 -13.19 -5.85
C ILE B 70 -49.50 -13.22 -6.42
N GLU B 71 -49.41 -12.86 -7.70
CA GLU B 71 -48.16 -12.95 -8.45
C GLU B 71 -47.67 -11.60 -8.97
N THR B 72 -48.37 -10.51 -8.65
CA THR B 72 -47.99 -9.18 -9.11
C THR B 72 -47.13 -8.48 -8.06
N VAL B 73 -46.83 -7.20 -8.32
CA VAL B 73 -45.90 -6.42 -7.51
C VAL B 73 -46.49 -5.02 -7.43
N PRO B 74 -46.45 -4.33 -6.27
CA PRO B 74 -45.75 -4.64 -5.01
C PRO B 74 -46.44 -5.63 -4.07
N GLN B 75 -45.65 -6.33 -3.26
CA GLN B 75 -46.15 -7.09 -2.12
C GLN B 75 -45.35 -6.72 -0.87
N MET B 76 -46.06 -6.31 0.17
CA MET B 76 -45.47 -5.89 1.43
C MET B 76 -45.71 -6.95 2.50
N PHE B 77 -44.67 -7.24 3.28
CA PHE B 77 -44.72 -8.22 4.38
C PHE B 77 -44.17 -7.59 5.67
N VAL B 78 -44.66 -8.08 6.81
CA VAL B 78 -44.18 -7.65 8.12
C VAL B 78 -44.02 -8.90 8.98
N ARG B 79 -42.78 -9.21 9.35
CA ARG B 79 -42.47 -10.26 10.31
C ARG B 79 -43.17 -11.57 9.95
N GLY B 80 -43.07 -11.93 8.67
CA GLY B 80 -43.52 -13.22 8.18
C GLY B 80 -44.92 -13.26 7.62
N LYS B 81 -45.63 -12.13 7.60
CA LYS B 81 -47.05 -12.05 7.29
C LYS B 81 -47.28 -11.11 6.11
N PHE B 82 -48.11 -11.53 5.16
CA PHE B 82 -48.39 -10.69 3.99
C PHE B 82 -49.40 -9.61 4.37
N ILE B 83 -49.08 -8.37 4.01
CA ILE B 83 -49.85 -7.21 4.46
C ILE B 83 -50.79 -6.70 3.36
N GLY B 84 -50.34 -6.62 2.12
CA GLY B 84 -51.22 -6.23 1.04
C GLY B 84 -50.46 -5.75 -0.18
N ASP B 85 -51.23 -5.41 -1.21
CA ASP B 85 -50.70 -4.77 -2.40
C ASP B 85 -50.92 -3.25 -2.29
N SER B 86 -50.80 -2.54 -3.42
CA SER B 86 -50.87 -1.07 -3.37
C SER B 86 -52.21 -0.55 -2.84
N GLN B 87 -53.32 -1.10 -3.35
CA GLN B 87 -54.63 -0.68 -2.84
C GLN B 87 -54.77 -0.93 -1.34
N THR B 88 -54.30 -2.09 -0.86
CA THR B 88 -54.50 -2.46 0.54
C THR B 88 -53.61 -1.64 1.49
N VAL B 89 -52.34 -1.46 1.11
CA VAL B 89 -51.45 -0.61 1.89
C VAL B 89 -52.00 0.81 1.99
N LEU B 90 -52.55 1.33 0.88
CA LEU B 90 -53.11 2.67 0.92
C LEU B 90 -54.39 2.73 1.77
N LYS B 91 -55.15 1.63 1.82
CA LYS B 91 -56.33 1.56 2.69
C LYS B 91 -55.94 1.69 4.15
N TYR B 92 -54.94 0.91 4.59
CA TYR B 92 -54.48 1.02 5.98
C TYR B 92 -53.98 2.42 6.29
N TYR B 93 -53.28 3.04 5.34
CA TYR B 93 -52.69 4.36 5.58
C TYR B 93 -53.77 5.39 5.86
N SER B 94 -54.69 5.58 4.91
CA SER B 94 -55.74 6.57 5.11
C SER B 94 -56.76 6.17 6.16
N ASN B 95 -56.61 5.02 6.81
CA ASN B 95 -57.46 4.66 7.95
C ASN B 95 -56.72 4.71 9.28
N ASP B 96 -55.52 5.31 9.32
CA ASP B 96 -54.65 5.36 10.51
C ASP B 96 -54.34 3.98 11.11
N GLU B 97 -54.38 2.92 10.29
CA GLU B 97 -54.14 1.56 10.75
C GLU B 97 -52.73 1.08 10.46
N LEU B 98 -51.94 1.82 9.68
CA LEU B 98 -50.67 1.30 9.17
C LEU B 98 -49.60 1.20 10.25
N ALA B 99 -49.47 2.24 11.09
CA ALA B 99 -48.43 2.21 12.11
C ALA B 99 -48.61 1.03 13.05
N GLY B 100 -49.85 0.73 13.44
CA GLY B 100 -50.08 -0.37 14.35
C GLY B 100 -49.77 -1.73 13.77
N ILE B 101 -49.91 -1.86 12.44
CA ILE B 101 -49.63 -3.14 11.81
C ILE B 101 -48.12 -3.38 11.69
N VAL B 102 -47.35 -2.34 11.34
CA VAL B 102 -45.91 -2.53 11.20
C VAL B 102 -45.21 -2.66 12.56
N ASN B 103 -45.84 -2.20 13.65
CA ASN B 103 -45.27 -2.39 14.98
C ASN B 103 -45.78 -3.63 15.70
N GLU B 104 -46.64 -4.42 15.06
CA GLU B 104 -47.16 -5.62 15.70
C GLU B 104 -46.08 -6.69 15.74
N SER B 105 -45.67 -7.08 16.96
CA SER B 105 -44.63 -8.09 17.11
C SER B 105 -44.84 -8.91 18.37
N LYS B 106 -44.38 -10.16 18.32
CA LYS B 106 -44.43 -11.05 19.47
C LYS B 106 -43.40 -10.68 20.54
N TYR B 107 -42.28 -10.09 20.15
CA TYR B 107 -41.20 -9.74 21.05
C TYR B 107 -41.09 -8.22 21.20
N ASP B 108 -40.37 -7.79 22.24
CA ASP B 108 -40.11 -6.36 22.38
C ASP B 108 -39.26 -5.84 21.23
N TYR B 109 -38.31 -6.64 20.76
CA TYR B 109 -37.36 -6.23 19.73
C TYR B 109 -37.25 -7.31 18.66
N ASP B 110 -36.98 -6.87 17.42
CA ASP B 110 -36.56 -7.82 16.41
C ASP B 110 -35.15 -8.33 16.67
N LEU B 111 -34.30 -7.52 17.31
CA LEU B 111 -32.90 -7.86 17.52
C LEU B 111 -32.43 -7.28 18.84
N ILE B 112 -31.80 -8.11 19.67
CA ILE B 112 -31.05 -7.63 20.83
C ILE B 112 -29.60 -8.04 20.63
N VAL B 113 -28.70 -7.05 20.59
CA VAL B 113 -27.25 -7.25 20.59
C VAL B 113 -26.74 -7.11 22.02
N ILE B 114 -26.08 -8.15 22.54
CA ILE B 114 -25.39 -8.06 23.82
C ILE B 114 -23.91 -7.77 23.53
N GLY B 115 -23.47 -6.54 23.83
CA GLY B 115 -22.09 -6.11 23.58
C GLY B 115 -22.00 -4.94 22.61
N GLY B 116 -21.53 -3.78 23.08
CA GLY B 116 -21.47 -2.61 22.21
C GLY B 116 -20.06 -2.25 21.70
N GLY B 117 -19.41 -3.20 21.01
CA GLY B 117 -18.07 -2.99 20.49
C GLY B 117 -18.02 -3.02 18.97
N SER B 118 -16.87 -3.41 18.41
CA SER B 118 -16.68 -3.38 16.96
C SER B 118 -17.80 -4.10 16.22
N GLY B 119 -18.05 -5.36 16.56
CA GLY B 119 -19.04 -6.15 15.86
C GLY B 119 -20.47 -5.77 16.22
N GLY B 120 -20.71 -5.54 17.52
CA GLY B 120 -22.07 -5.33 17.97
C GLY B 120 -22.68 -4.06 17.42
N LEU B 121 -21.93 -2.95 17.47
CA LEU B 121 -22.46 -1.67 16.97
C LEU B 121 -22.71 -1.73 15.47
N ALA B 122 -21.80 -2.38 14.74
CA ALA B 122 -21.96 -2.51 13.29
C ALA B 122 -23.20 -3.33 12.96
N ALA B 123 -23.39 -4.46 13.66
CA ALA B 123 -24.57 -5.29 13.42
C ALA B 123 -25.85 -4.52 13.72
N GLY B 124 -25.93 -3.89 14.91
CA GLY B 124 -27.13 -3.19 15.31
C GLY B 124 -27.53 -2.08 14.34
N LYS B 125 -26.55 -1.26 13.93
CA LYS B 125 -26.85 -0.16 13.01
C LYS B 125 -27.30 -0.69 11.66
N GLU B 126 -26.68 -1.77 11.18
CA GLU B 126 -27.08 -2.28 9.87
C GLU B 126 -28.50 -2.87 9.94
N ALA B 127 -28.79 -3.64 10.98
CA ALA B 127 -30.14 -4.19 11.13
C ALA B 127 -31.20 -3.10 11.15
N ALA B 128 -30.92 -1.97 11.80
CA ALA B 128 -31.95 -0.93 11.92
C ALA B 128 -32.26 -0.28 10.57
N LYS B 129 -31.29 -0.25 9.64
CA LYS B 129 -31.54 0.31 8.32
C LYS B 129 -32.67 -0.39 7.56
N TYR B 130 -33.01 -1.62 7.92
CA TYR B 130 -34.06 -2.37 7.22
C TYR B 130 -35.35 -2.49 8.02
N GLY B 131 -35.54 -1.63 9.03
CA GLY B 131 -36.77 -1.65 9.79
C GLY B 131 -36.80 -2.60 10.97
N ALA B 132 -35.68 -3.23 11.31
CA ALA B 132 -35.65 -4.11 12.47
C ALA B 132 -35.58 -3.26 13.74
N LYS B 133 -36.49 -3.51 14.68
CA LYS B 133 -36.50 -2.82 15.95
C LYS B 133 -35.38 -3.39 16.82
N THR B 134 -34.35 -2.58 17.10
CA THR B 134 -33.08 -3.07 17.62
C THR B 134 -32.70 -2.41 18.93
N ALA B 135 -32.18 -3.21 19.86
CA ALA B 135 -31.56 -2.74 21.10
C ALA B 135 -30.11 -3.20 21.17
N VAL B 136 -29.22 -2.29 21.55
CA VAL B 136 -27.80 -2.59 21.77
C VAL B 136 -27.49 -2.39 23.25
N LEU B 137 -26.99 -3.44 23.91
CA LEU B 137 -26.61 -3.43 25.31
C LEU B 137 -25.09 -3.33 25.40
N ASP B 138 -24.59 -2.48 26.31
CA ASP B 138 -23.16 -2.45 26.58
C ASP B 138 -22.88 -2.04 28.03
N TYR B 139 -21.86 -2.66 28.61
CA TYR B 139 -21.38 -2.42 29.96
C TYR B 139 -19.90 -2.80 30.06
N VAL B 140 -19.15 -1.98 30.77
CA VAL B 140 -17.70 -2.16 30.93
C VAL B 140 -17.45 -2.50 32.40
N GLU B 141 -17.14 -3.75 32.66
CA GLU B 141 -16.75 -4.16 34.00
C GLU B 141 -15.41 -3.54 34.34
N PRO B 142 -15.26 -2.89 35.49
CA PRO B 142 -13.99 -2.21 35.80
C PRO B 142 -12.85 -3.20 35.95
N THR B 143 -11.63 -2.70 35.67
CA THR B 143 -10.40 -3.45 35.94
C THR B 143 -10.21 -3.60 37.45
N PRO B 144 -9.24 -4.42 37.90
CA PRO B 144 -8.98 -4.52 39.35
C PRO B 144 -8.69 -3.20 40.06
N ILE B 145 -8.02 -2.23 39.40
CA ILE B 145 -7.78 -0.94 40.04
C ILE B 145 -8.89 0.07 39.78
N GLY B 146 -9.94 -0.31 39.04
CA GLY B 146 -11.09 0.53 38.83
C GLY B 146 -11.22 1.26 37.50
N THR B 147 -10.38 0.94 36.51
CA THR B 147 -10.45 1.63 35.23
C THR B 147 -11.73 1.25 34.48
N THR B 148 -12.37 2.25 33.87
CA THR B 148 -13.59 2.04 33.10
C THR B 148 -13.59 3.04 31.94
N TRP B 149 -14.52 2.88 31.00
CA TRP B 149 -14.53 3.71 29.79
C TRP B 149 -15.91 3.62 29.12
N GLY B 150 -16.07 4.37 28.01
CA GLY B 150 -17.35 4.57 27.36
C GLY B 150 -17.64 3.58 26.24
N LEU B 151 -18.66 3.92 25.46
CA LEU B 151 -19.17 3.03 24.41
C LEU B 151 -18.20 2.90 23.23
N GLY B 152 -18.11 1.69 22.67
CA GLY B 152 -17.30 1.49 21.49
C GLY B 152 -16.46 0.22 21.47
N GLY B 153 -16.21 -0.39 22.64
CA GLY B 153 -15.52 -1.65 22.69
C GLY B 153 -14.02 -1.52 22.91
N THR B 154 -13.31 -2.65 22.69
CA THR B 154 -11.91 -2.78 23.07
C THR B 154 -10.98 -1.99 22.16
N CYS B 155 -11.21 -2.04 20.84
CA CYS B 155 -10.36 -1.33 19.88
C CYS B 155 -10.41 0.18 20.11
N VAL B 156 -11.62 0.72 20.25
CA VAL B 156 -11.85 2.16 20.37
C VAL B 156 -11.19 2.72 21.62
N ASN B 157 -11.36 2.05 22.76
CA ASN B 157 -11.02 2.58 24.08
C ASN B 157 -9.66 2.13 24.60
N VAL B 158 -9.30 0.86 24.43
CA VAL B 158 -8.11 0.30 25.06
C VAL B 158 -7.41 -0.66 24.11
N GLY B 159 -7.51 -0.39 22.80
CA GLY B 159 -6.95 -1.26 21.77
C GLY B 159 -6.38 -0.51 20.58
N CYS B 160 -6.85 -0.82 19.35
CA CYS B 160 -6.18 -0.36 18.13
C CYS B 160 -6.02 1.16 18.10
N ILE B 161 -7.02 1.91 18.55
CA ILE B 161 -7.03 3.37 18.39
C ILE B 161 -6.01 4.03 19.32
N PRO B 162 -6.09 3.90 20.66
CA PRO B 162 -5.05 4.53 21.50
C PRO B 162 -3.65 3.97 21.27
N LYS B 163 -3.55 2.64 21.06
CA LYS B 163 -2.27 1.98 20.70
C LYS B 163 -1.56 2.66 19.53
N LYS B 164 -2.27 2.83 18.40
CA LYS B 164 -1.63 3.40 17.22
C LYS B 164 -1.33 4.89 17.38
N LEU B 165 -2.10 5.59 18.20
CA LEU B 165 -1.76 7.00 18.47
C LEU B 165 -0.47 7.10 19.30
N MET B 166 -0.23 6.17 20.23
CA MET B 166 1.01 6.24 21.00
C MET B 166 2.19 5.74 20.17
N HIS B 167 1.96 4.73 19.31
CA HIS B 167 2.97 4.36 18.31
C HIS B 167 3.40 5.60 17.48
N GLN B 168 2.44 6.43 17.06
CA GLN B 168 2.78 7.61 16.27
C GLN B 168 3.61 8.61 17.09
N ALA B 169 3.27 8.79 18.37
CA ALA B 169 4.11 9.65 19.22
C ALA B 169 5.54 9.12 19.26
N GLY B 170 5.71 7.80 19.29
CA GLY B 170 7.06 7.23 19.28
C GLY B 170 7.76 7.40 17.94
N LEU B 171 7.03 7.18 16.83
CA LEU B 171 7.58 7.43 15.51
C LEU B 171 8.09 8.86 15.38
N LEU B 172 7.42 9.81 16.04
CA LEU B 172 7.81 11.20 15.86
C LEU B 172 9.14 11.53 16.49
N SER B 173 9.65 10.72 17.43
CA SER B 173 10.98 11.02 17.96
C SER B 173 12.04 10.80 16.90
N HIS B 174 11.85 9.81 16.02
CA HIS B 174 12.81 9.61 14.94
C HIS B 174 12.62 10.66 13.83
N ALA B 175 11.40 11.16 13.66
CA ALA B 175 11.21 12.31 12.78
C ALA B 175 12.02 13.52 13.27
N LEU B 176 12.06 13.74 14.59
CA LEU B 176 12.86 14.85 15.14
C LEU B 176 14.35 14.63 14.88
N GLU B 177 14.86 13.41 15.09
CA GLU B 177 16.24 13.09 14.74
C GLU B 177 16.48 13.28 13.25
N ASP B 178 15.58 12.74 12.41
CA ASP B 178 15.75 12.84 10.96
C ASP B 178 15.79 14.28 10.47
N ALA B 179 14.95 15.15 11.06
CA ALA B 179 14.82 16.52 10.58
C ALA B 179 16.15 17.27 10.59
N GLU B 180 17.03 16.99 11.55
CA GLU B 180 18.33 17.68 11.53
C GLU B 180 19.10 17.38 10.26
N HIS B 181 19.17 16.12 9.85
CA HIS B 181 19.90 15.79 8.64
C HIS B 181 19.27 16.36 7.38
N PHE B 182 17.97 16.64 7.40
CA PHE B 182 17.30 17.24 6.24
C PHE B 182 17.35 18.77 6.26
N GLY B 183 18.09 19.36 7.22
CA GLY B 183 18.37 20.78 7.24
C GLY B 183 17.64 21.61 8.28
N TRP B 184 16.81 21.00 9.13
CA TRP B 184 16.09 21.80 10.13
C TRP B 184 16.97 22.09 11.34
N SER B 185 16.75 23.26 11.96
CA SER B 185 17.71 23.79 12.92
C SER B 185 17.54 23.27 14.34
N LEU B 186 16.66 22.31 14.60
CA LEU B 186 16.43 21.86 15.97
C LEU B 186 17.56 20.97 16.48
N ASP B 187 17.70 20.90 17.80
CA ASP B 187 18.60 19.95 18.46
C ASP B 187 17.78 18.92 19.24
N ARG B 188 17.70 17.72 18.67
CA ARG B 188 16.95 16.60 19.25
C ARG B 188 17.36 16.29 20.68
N SER B 189 18.65 16.38 20.98
CA SER B 189 19.15 16.00 22.30
C SER B 189 18.57 16.87 23.41
N LYS B 190 18.02 18.04 23.08
CA LYS B 190 17.48 18.95 24.08
C LYS B 190 15.94 18.93 24.14
N ILE B 191 15.30 17.86 23.65
CA ILE B 191 13.85 17.79 23.60
C ILE B 191 13.39 16.57 24.39
N SER B 192 12.34 16.74 25.20
CA SER B 192 11.78 15.67 26.03
C SER B 192 10.30 15.46 25.74
N HIS B 193 9.75 14.37 26.27
CA HIS B 193 8.35 14.01 26.07
C HIS B 193 7.54 14.12 27.37
N ASN B 194 6.30 14.59 27.26
CA ASN B 194 5.37 14.74 28.39
C ASN B 194 4.25 13.69 28.24
N TRP B 195 4.33 12.62 29.02
CA TRP B 195 3.33 11.54 28.98
C TRP B 195 1.91 12.08 29.14
N SER B 196 1.67 12.93 30.12
CA SER B 196 0.28 13.27 30.43
C SER B 196 -0.34 14.18 29.35
N THR B 197 0.46 15.02 28.67
CA THR B 197 -0.10 15.79 27.56
C THR B 197 -0.60 14.89 26.43
N MET B 198 0.19 13.86 26.08
CA MET B 198 -0.20 12.88 25.08
C MET B 198 -1.49 12.16 25.48
N VAL B 199 -1.57 11.69 26.72
CA VAL B 199 -2.74 10.95 27.18
C VAL B 199 -4.00 11.80 27.10
N GLU B 200 -3.88 13.10 27.42
CA GLU B 200 -5.04 13.97 27.35
C GLU B 200 -5.55 14.10 25.90
N GLY B 201 -4.63 14.28 24.95
CA GLY B 201 -5.05 14.38 23.55
C GLY B 201 -5.63 13.07 23.04
N VAL B 202 -5.01 11.94 23.42
CA VAL B 202 -5.51 10.63 23.01
C VAL B 202 -6.90 10.38 23.58
N GLN B 203 -7.10 10.69 24.87
CA GLN B 203 -8.40 10.47 25.51
C GLN B 203 -9.47 11.43 25.00
N SER B 204 -9.09 12.63 24.57
CA SER B 204 -10.07 13.52 23.96
C SER B 204 -10.56 12.99 22.61
N HIS B 205 -9.69 12.36 21.82
CA HIS B 205 -10.15 11.68 20.60
C HIS B 205 -11.08 10.52 20.92
N ILE B 206 -10.70 9.68 21.90
CA ILE B 206 -11.55 8.57 22.28
C ILE B 206 -12.91 9.09 22.76
N GLY B 207 -12.92 10.22 23.46
CA GLY B 207 -14.19 10.79 23.90
C GLY B 207 -15.08 11.22 22.76
N SER B 208 -14.49 11.74 21.68
CA SER B 208 -15.32 12.08 20.52
C SER B 208 -15.90 10.83 19.87
N LEU B 209 -15.22 9.69 19.98
CA LEU B 209 -15.76 8.47 19.39
C LEU B 209 -16.90 7.90 20.25
N ASN B 210 -16.73 7.88 21.59
CA ASN B 210 -17.83 7.47 22.47
C ASN B 210 -19.10 8.24 22.15
N TRP B 211 -18.97 9.56 21.99
CA TRP B 211 -20.13 10.40 21.74
C TRP B 211 -20.69 10.18 20.35
N GLY B 212 -19.80 10.04 19.35
CA GLY B 212 -20.25 9.76 17.99
C GLY B 212 -21.08 8.49 17.87
N TYR B 213 -20.72 7.45 18.65
CA TYR B 213 -21.47 6.20 18.60
C TYR B 213 -22.86 6.34 19.24
N LYS B 214 -22.97 7.08 20.35
CA LYS B 214 -24.29 7.35 20.90
C LYS B 214 -25.15 8.14 19.92
N VAL B 215 -24.56 9.13 19.25
CA VAL B 215 -25.32 9.92 18.27
C VAL B 215 -25.76 9.05 17.10
N ALA B 216 -24.88 8.17 16.62
CA ALA B 216 -25.26 7.30 15.52
C ALA B 216 -26.41 6.38 15.91
N LEU B 217 -26.36 5.79 17.11
CA LEU B 217 -27.43 4.89 17.52
C LEU B 217 -28.76 5.64 17.61
N ARG B 218 -28.74 6.85 18.19
CA ARG B 218 -29.96 7.66 18.25
C ARG B 218 -30.51 7.98 16.86
N ASP B 219 -29.64 8.31 15.92
CA ASP B 219 -30.10 8.71 14.60
C ASP B 219 -30.56 7.51 13.76
N ASN B 220 -30.28 6.28 14.19
CA ASN B 220 -30.79 5.09 13.54
C ASN B 220 -31.97 4.49 14.31
N GLN B 221 -32.49 5.19 15.33
CA GLN B 221 -33.60 4.69 16.16
C GLN B 221 -33.23 3.37 16.85
N VAL B 222 -31.97 3.20 17.24
CA VAL B 222 -31.53 2.05 18.02
C VAL B 222 -31.59 2.40 19.51
N THR B 223 -32.27 1.57 20.29
CA THR B 223 -32.29 1.75 21.74
C THR B 223 -30.97 1.28 22.34
N TYR B 224 -30.25 2.19 22.99
CA TYR B 224 -29.01 1.86 23.69
C TYR B 224 -29.27 1.80 25.20
N LEU B 225 -28.96 0.66 25.81
CA LEU B 225 -29.04 0.46 27.26
C LEU B 225 -27.64 0.22 27.81
N ASN B 226 -27.19 1.10 28.69
CA ASN B 226 -25.89 0.89 29.34
C ASN B 226 -26.15 -0.04 30.53
N ALA B 227 -26.15 -1.34 30.24
CA ALA B 227 -26.51 -2.32 31.26
C ALA B 227 -25.92 -3.68 30.90
N LYS B 228 -25.68 -4.49 31.92
CA LYS B 228 -25.17 -5.84 31.73
C LYS B 228 -26.31 -6.77 31.32
N GLY B 229 -26.12 -7.48 30.20
CA GLY B 229 -27.10 -8.43 29.71
C GLY B 229 -26.71 -9.87 29.98
N ARG B 230 -27.74 -10.70 30.18
CA ARG B 230 -27.56 -12.14 30.41
C ARG B 230 -28.68 -12.89 29.69
N LEU B 231 -28.31 -13.84 28.85
CA LEU B 231 -29.26 -14.66 28.12
C LEU B 231 -29.71 -15.81 29.01
N ILE B 232 -31.00 -15.84 29.38
CA ILE B 232 -31.52 -16.85 30.28
C ILE B 232 -32.40 -17.89 29.57
N SER B 233 -33.04 -17.54 28.45
CA SER B 233 -33.69 -18.51 27.55
C SER B 233 -33.47 -18.02 26.11
N PRO B 234 -33.78 -18.81 25.07
CA PRO B 234 -33.47 -18.38 23.69
C PRO B 234 -33.94 -16.98 23.32
N HIS B 235 -35.05 -16.50 23.88
CA HIS B 235 -35.60 -15.19 23.52
C HIS B 235 -35.63 -14.19 24.66
N GLU B 236 -35.10 -14.51 25.84
CA GLU B 236 -35.20 -13.63 27.01
C GLU B 236 -33.83 -13.17 27.45
N VAL B 237 -33.65 -11.85 27.55
CA VAL B 237 -32.42 -11.24 28.03
C VAL B 237 -32.71 -10.47 29.32
N GLN B 238 -32.03 -10.85 30.40
CA GLN B 238 -32.14 -10.17 31.67
C GLN B 238 -31.07 -9.08 31.77
N ILE B 239 -31.47 -7.87 32.16
CA ILE B 239 -30.57 -6.71 32.19
C ILE B 239 -30.50 -6.17 33.62
N THR B 240 -29.32 -5.60 33.95
CA THR B 240 -29.08 -5.02 35.26
C THR B 240 -28.58 -3.59 35.14
N ASP B 241 -29.28 -2.66 35.79
CA ASP B 241 -29.03 -1.23 35.82
C ASP B 241 -27.67 -0.89 36.43
N LYS B 242 -27.25 0.36 36.19
CA LYS B 242 -26.20 0.95 37.01
C LYS B 242 -26.64 1.12 38.46
N ASN B 243 -27.95 1.19 38.71
CA ASN B 243 -28.52 1.23 40.05
C ASN B 243 -29.02 -0.14 40.52
N GLN B 244 -28.47 -1.23 39.98
CA GLN B 244 -28.73 -2.60 40.44
C GLN B 244 -30.13 -3.09 40.11
N LYS B 245 -30.91 -2.35 39.32
CA LYS B 245 -32.27 -2.76 38.99
C LYS B 245 -32.27 -3.85 37.92
N VAL B 246 -33.00 -4.95 38.19
CA VAL B 246 -33.05 -6.11 37.32
C VAL B 246 -34.41 -6.19 36.65
N SER B 247 -34.42 -6.48 35.34
CA SER B 247 -35.66 -6.65 34.59
C SER B 247 -35.35 -7.50 33.34
N THR B 248 -36.38 -7.75 32.52
CA THR B 248 -36.28 -8.67 31.39
C THR B 248 -36.87 -8.07 30.13
N ILE B 249 -36.14 -8.20 29.02
CA ILE B 249 -36.61 -7.82 27.69
C ILE B 249 -36.53 -9.04 26.80
N THR B 250 -37.36 -9.07 25.76
CA THR B 250 -37.41 -10.20 24.84
C THR B 250 -37.08 -9.76 23.41
N GLY B 251 -36.51 -10.68 22.65
CA GLY B 251 -36.15 -10.38 21.27
C GLY B 251 -36.27 -11.60 20.41
N ASN B 252 -36.59 -11.37 19.13
CA ASN B 252 -36.66 -12.46 18.16
C ASN B 252 -35.27 -13.07 17.91
N LYS B 253 -34.38 -12.31 17.27
CA LYS B 253 -32.99 -12.72 17.08
C LYS B 253 -32.10 -12.09 18.15
N ILE B 254 -31.05 -12.82 18.54
CA ILE B 254 -30.08 -12.39 19.53
C ILE B 254 -28.70 -12.51 18.91
N ILE B 255 -27.85 -11.49 19.08
CA ILE B 255 -26.44 -11.56 18.67
C ILE B 255 -25.57 -11.34 19.90
N LEU B 256 -24.74 -12.34 20.20
CA LEU B 256 -23.74 -12.23 21.26
C LEU B 256 -22.45 -11.62 20.68
N ALA B 257 -22.03 -10.48 21.25
CA ALA B 257 -20.81 -9.80 20.77
C ALA B 257 -20.09 -9.13 21.93
N THR B 258 -19.71 -9.93 22.95
CA THR B 258 -19.23 -9.40 24.23
C THR B 258 -17.71 -9.40 24.37
N GLY B 259 -16.97 -9.99 23.42
CA GLY B 259 -15.51 -9.81 23.42
C GLY B 259 -14.76 -10.54 24.51
N GLU B 260 -13.57 -10.00 24.84
CA GLU B 260 -12.65 -10.60 25.80
C GLU B 260 -12.05 -9.50 26.69
N ARG B 261 -11.31 -9.91 27.71
CA ARG B 261 -10.55 -9.06 28.61
C ARG B 261 -9.21 -9.76 28.89
N PRO B 262 -8.21 -9.01 29.36
CA PRO B 262 -6.87 -9.62 29.58
C PRO B 262 -6.84 -10.66 30.70
N LYS B 263 -5.94 -11.63 30.55
CA LYS B 263 -5.63 -12.58 31.61
C LYS B 263 -4.54 -12.05 32.54
N TYR B 264 -4.54 -12.57 33.79
CA TYR B 264 -3.46 -12.43 34.76
C TYR B 264 -2.87 -13.81 35.06
N PRO B 265 -1.55 -13.91 35.24
CA PRO B 265 -0.98 -15.20 35.66
C PRO B 265 -1.29 -15.43 37.14
N GLU B 266 -1.47 -16.69 37.52
CA GLU B 266 -1.83 -17.00 38.91
C GLU B 266 -0.56 -17.06 39.76
N ILE B 267 -0.05 -15.87 40.10
CA ILE B 267 1.11 -15.74 40.98
C ILE B 267 0.83 -14.63 41.98
N PRO B 268 1.49 -14.67 43.14
CA PRO B 268 1.28 -13.62 44.16
C PRO B 268 1.67 -12.24 43.65
N GLY B 269 0.79 -11.26 43.92
CA GLY B 269 1.05 -9.87 43.62
C GLY B 269 0.59 -9.38 42.25
N ALA B 270 0.26 -10.29 41.33
CA ALA B 270 -0.02 -9.89 39.94
C ALA B 270 -1.23 -8.96 39.85
N VAL B 271 -2.39 -9.42 40.36
CA VAL B 271 -3.63 -8.64 40.31
C VAL B 271 -3.53 -7.39 41.16
N GLU B 272 -2.86 -7.49 42.32
CA GLU B 272 -2.73 -6.35 43.23
C GLU B 272 -1.83 -5.27 42.67
N TYR B 273 -0.68 -5.64 42.10
CA TYR B 273 0.37 -4.65 41.86
C TYR B 273 0.73 -4.43 40.39
N GLY B 274 0.34 -5.34 39.47
CA GLY B 274 0.53 -5.11 38.05
C GLY B 274 -0.65 -4.38 37.40
N ILE B 275 -0.49 -4.06 36.12
CA ILE B 275 -1.57 -3.51 35.30
C ILE B 275 -1.58 -4.27 33.97
N THR B 276 -2.58 -3.97 33.13
CA THR B 276 -2.63 -4.50 31.77
C THR B 276 -2.88 -3.39 30.75
N SER B 277 -3.11 -3.76 29.48
CA SER B 277 -3.38 -2.77 28.45
C SER B 277 -4.64 -1.96 28.75
N ASP B 278 -5.66 -2.58 29.38
CA ASP B 278 -6.87 -1.84 29.79
C ASP B 278 -6.54 -0.59 30.59
N ASP B 279 -5.49 -0.65 31.43
CA ASP B 279 -5.13 0.48 32.27
C ASP B 279 -4.11 1.40 31.63
N LEU B 280 -3.36 0.91 30.62
CA LEU B 280 -2.18 1.67 30.19
C LEU B 280 -2.59 2.95 29.46
N PHE B 281 -3.65 2.90 28.66
CA PHE B 281 -3.93 3.99 27.72
C PHE B 281 -4.56 5.21 28.37
N SER B 282 -4.98 5.12 29.64
CA SER B 282 -5.45 6.27 30.38
C SER B 282 -4.68 6.46 31.69
N LEU B 283 -3.50 5.84 31.82
CA LEU B 283 -2.69 5.96 33.03
C LEU B 283 -2.35 7.42 33.30
N PRO B 284 -2.58 7.94 34.50
CA PRO B 284 -2.32 9.38 34.74
C PRO B 284 -0.86 9.74 34.96
N TYR B 285 0.03 8.77 35.18
CA TYR B 285 1.45 9.04 35.37
C TYR B 285 2.26 8.25 34.35
N PHE B 286 3.43 8.75 34.00
CA PHE B 286 4.31 7.97 33.12
C PHE B 286 4.68 6.66 33.82
N PRO B 287 4.72 5.54 33.10
CA PRO B 287 5.08 4.27 33.74
C PRO B 287 6.48 4.25 34.36
N GLY B 288 7.45 4.98 33.80
CA GLY B 288 8.81 4.92 34.30
C GLY B 288 9.54 3.66 33.85
N LYS B 289 10.46 3.18 34.67
CA LYS B 289 11.11 1.91 34.38
C LYS B 289 10.08 0.78 34.41
N THR B 290 9.91 0.10 33.27
CA THR B 290 8.77 -0.79 33.03
C THR B 290 9.23 -2.18 32.65
N LEU B 291 8.55 -3.19 33.19
CA LEU B 291 8.69 -4.59 32.80
C LEU B 291 7.40 -5.03 32.11
N VAL B 292 7.52 -5.54 30.88
CA VAL B 292 6.38 -6.09 30.16
C VAL B 292 6.55 -7.59 30.15
N ILE B 293 5.56 -8.31 30.67
CA ILE B 293 5.61 -9.76 30.79
C ILE B 293 4.73 -10.35 29.70
N GLY B 294 5.34 -11.09 28.78
CA GLY B 294 4.64 -11.65 27.64
C GLY B 294 5.37 -11.33 26.34
N ALA B 295 4.86 -11.94 25.26
CA ALA B 295 5.54 -11.80 23.97
C ALA B 295 4.59 -11.86 22.77
N SER B 296 3.31 -11.53 22.98
CA SER B 296 2.30 -11.31 21.94
C SER B 296 2.53 -9.99 21.21
N TYR B 297 1.66 -9.68 20.24
CA TYR B 297 1.76 -8.40 19.56
C TYR B 297 1.40 -7.25 20.51
N VAL B 298 0.49 -7.47 21.46
CA VAL B 298 0.20 -6.43 22.44
C VAL B 298 1.45 -6.09 23.25
N ALA B 299 2.18 -7.11 23.70
CA ALA B 299 3.38 -6.87 24.52
C ALA B 299 4.46 -6.13 23.75
N LEU B 300 4.80 -6.59 22.53
CA LEU B 300 5.89 -5.93 21.79
C LEU B 300 5.49 -4.53 21.34
N GLU B 301 4.21 -4.31 21.04
CA GLU B 301 3.78 -2.98 20.60
C GLU B 301 3.86 -1.99 21.76
N CYS B 302 3.41 -2.40 22.95
CA CYS B 302 3.49 -1.52 24.11
C CYS B 302 4.93 -1.27 24.53
N ALA B 303 5.75 -2.33 24.59
CA ALA B 303 7.15 -2.12 24.95
C ALA B 303 7.83 -1.17 23.97
N GLY B 304 7.46 -1.27 22.69
CA GLY B 304 8.17 -0.52 21.66
C GLY B 304 7.98 0.98 21.75
N PHE B 305 6.73 1.44 21.89
CA PHE B 305 6.57 2.88 21.97
C PHE B 305 7.01 3.43 23.33
N LEU B 306 6.86 2.66 24.42
CA LEU B 306 7.40 3.12 25.70
C LEU B 306 8.88 3.43 25.59
N ALA B 307 9.63 2.61 24.85
CA ALA B 307 11.06 2.88 24.69
C ALA B 307 11.28 4.14 23.86
N SER B 308 10.49 4.33 22.80
CA SER B 308 10.63 5.49 21.94
C SER B 308 10.28 6.80 22.64
N LEU B 309 9.44 6.75 23.66
CA LEU B 309 9.10 7.94 24.43
C LEU B 309 10.07 8.19 25.58
N GLY B 310 11.13 7.39 25.72
CA GLY B 310 12.16 7.62 26.70
C GLY B 310 12.16 6.69 27.91
N GLY B 311 11.34 5.66 27.94
CA GLY B 311 11.33 4.76 29.07
C GLY B 311 12.44 3.72 29.03
N ASP B 312 12.76 3.22 30.22
CA ASP B 312 13.66 2.08 30.45
C ASP B 312 12.79 0.84 30.47
N VAL B 313 12.91 -0.03 29.46
CA VAL B 313 11.88 -1.04 29.19
C VAL B 313 12.51 -2.40 29.01
N THR B 314 11.90 -3.42 29.62
CA THR B 314 12.36 -4.80 29.55
C THR B 314 11.16 -5.69 29.25
N VAL B 315 11.35 -6.69 28.40
CA VAL B 315 10.32 -7.67 28.07
C VAL B 315 10.82 -9.04 28.53
N MET B 316 9.93 -9.79 29.19
CA MET B 316 10.26 -11.12 29.72
C MET B 316 9.52 -12.14 28.86
N VAL B 317 10.29 -13.02 28.20
CA VAL B 317 9.80 -13.92 27.18
C VAL B 317 9.84 -15.35 27.74
N ARG B 318 8.68 -16.00 27.84
CA ARG B 318 8.63 -17.39 28.27
C ARG B 318 9.40 -18.30 27.29
N SER B 319 9.03 -18.28 26.00
CA SER B 319 9.65 -19.13 24.98
C SER B 319 10.06 -18.33 23.74
N ILE B 320 9.10 -17.99 22.87
CA ILE B 320 9.40 -17.29 21.62
C ILE B 320 8.56 -16.02 21.50
N LEU B 321 8.91 -15.18 20.53
CA LEU B 321 8.14 -13.98 20.17
C LEU B 321 7.11 -14.30 19.10
N LEU B 322 5.93 -13.70 19.24
CA LEU B 322 4.87 -13.73 18.22
C LEU B 322 4.53 -15.17 17.81
N ARG B 323 4.34 -16.03 18.81
CA ARG B 323 3.91 -17.41 18.52
C ARG B 323 2.74 -17.41 17.56
N GLY B 324 2.83 -18.23 16.50
CA GLY B 324 1.82 -18.28 15.48
C GLY B 324 2.05 -17.35 14.30
N PHE B 325 2.96 -16.39 14.40
CA PHE B 325 3.42 -15.66 13.23
C PHE B 325 4.70 -16.32 12.69
N ASP B 326 5.00 -16.01 11.44
CA ASP B 326 6.26 -16.42 10.82
C ASP B 326 7.46 -16.07 11.69
N GLN B 327 8.31 -17.09 11.99
CA GLN B 327 9.28 -16.91 13.06
C GLN B 327 10.57 -16.26 12.59
N GLN B 328 10.93 -16.40 11.30
CA GLN B 328 12.05 -15.61 10.80
C GLN B 328 11.73 -14.14 10.93
N MET B 329 10.47 -13.77 10.64
CA MET B 329 10.09 -12.37 10.68
C MET B 329 10.02 -11.86 12.12
N ALA B 330 9.47 -12.68 13.03
CA ALA B 330 9.37 -12.30 14.44
C ALA B 330 10.74 -12.05 15.05
N GLU B 331 11.75 -12.81 14.62
CA GLU B 331 13.11 -12.58 15.11
C GLU B 331 13.68 -11.27 14.59
N LYS B 332 13.40 -10.91 13.34
CA LYS B 332 13.89 -9.62 12.82
C LYS B 332 13.23 -8.44 13.55
N VAL B 333 11.94 -8.58 13.86
CA VAL B 333 11.22 -7.60 14.66
C VAL B 333 11.88 -7.39 16.01
N GLY B 334 12.14 -8.49 16.75
CA GLY B 334 12.74 -8.36 18.07
C GLY B 334 14.17 -7.85 18.02
N ASP B 335 14.94 -8.29 17.03
CA ASP B 335 16.32 -7.80 16.85
C ASP B 335 16.35 -6.28 16.61
N TYR B 336 15.41 -5.76 15.82
CA TYR B 336 15.36 -4.31 15.65
C TYR B 336 15.12 -3.62 16.99
N MET B 337 14.13 -4.11 17.75
CA MET B 337 13.83 -3.51 19.05
C MET B 337 15.02 -3.56 20.01
N GLU B 338 15.74 -4.69 20.04
CA GLU B 338 16.87 -4.80 20.95
C GLU B 338 17.98 -3.82 20.59
N ASN B 339 18.19 -3.58 19.29
CA ASN B 339 19.20 -2.61 18.86
C ASN B 339 18.79 -1.18 19.14
N HIS B 340 17.50 -0.92 19.32
CA HIS B 340 17.01 0.42 19.61
C HIS B 340 16.47 0.55 21.03
N GLY B 341 17.00 -0.23 21.98
CA GLY B 341 16.86 0.08 23.38
C GLY B 341 15.84 -0.69 24.20
N VAL B 342 15.18 -1.69 23.62
CA VAL B 342 14.36 -2.61 24.41
C VAL B 342 15.25 -3.77 24.87
N LYS B 343 15.32 -3.97 26.19
CA LYS B 343 15.99 -5.15 26.75
C LYS B 343 15.06 -6.34 26.83
N PHE B 344 15.59 -7.54 26.58
CA PHE B 344 14.81 -8.78 26.65
C PHE B 344 15.42 -9.73 27.67
N ALA B 345 14.57 -10.34 28.49
CA ALA B 345 14.96 -11.41 29.42
C ALA B 345 14.37 -12.72 28.88
N LYS B 346 15.21 -13.52 28.25
CA LYS B 346 14.77 -14.61 27.41
C LYS B 346 14.65 -15.91 28.19
N LEU B 347 13.65 -16.71 27.82
CA LEU B 347 13.41 -18.02 28.45
C LEU B 347 13.27 -17.85 29.97
N CYS B 348 12.24 -17.09 30.36
CA CYS B 348 12.08 -16.60 31.72
C CYS B 348 10.59 -16.45 32.02
N VAL B 349 10.20 -16.78 33.24
CA VAL B 349 8.82 -16.63 33.69
C VAL B 349 8.81 -15.96 35.07
N PRO B 350 7.76 -15.22 35.44
CA PRO B 350 7.71 -14.61 36.77
C PRO B 350 7.11 -15.53 37.83
N ASP B 351 7.63 -15.39 39.06
CA ASP B 351 7.15 -16.12 40.23
C ASP B 351 6.33 -15.29 41.22
N GLU B 352 6.66 -14.00 41.40
CA GLU B 352 5.93 -13.16 42.33
C GLU B 352 6.29 -11.70 42.10
N ILE B 353 5.37 -10.81 42.53
CA ILE B 353 5.54 -9.37 42.49
C ILE B 353 5.39 -8.86 43.93
N LYS B 354 6.44 -8.22 44.44
CA LYS B 354 6.44 -7.59 45.77
C LYS B 354 6.26 -6.08 45.64
N GLN B 355 5.42 -5.50 46.51
CA GLN B 355 5.26 -4.05 46.56
C GLN B 355 6.30 -3.40 47.47
N LEU B 356 7.05 -2.44 46.93
CA LEU B 356 8.02 -1.68 47.71
C LEU B 356 7.57 -0.27 47.99
N LYS B 357 6.65 0.26 47.19
CA LYS B 357 6.22 1.65 47.27
C LYS B 357 4.87 1.74 46.58
N VAL B 358 3.89 2.35 47.25
CA VAL B 358 2.52 2.47 46.74
C VAL B 358 2.46 3.61 45.72
N VAL B 359 1.59 3.45 44.70
CA VAL B 359 1.37 4.50 43.71
C VAL B 359 0.94 5.79 44.39
N ASP B 360 1.58 6.90 44.02
CA ASP B 360 1.33 8.21 44.64
C ASP B 360 0.28 8.96 43.83
N THR B 361 -0.99 8.82 44.23
CA THR B 361 -2.10 9.49 43.56
C THR B 361 -1.93 11.00 43.57
N GLU B 362 -1.50 11.56 44.70
CA GLU B 362 -1.33 13.01 44.87
C GLU B 362 -0.39 13.60 43.83
N ASN B 363 0.91 13.28 43.95
CA ASN B 363 1.98 13.83 43.10
C ASN B 363 2.02 13.23 41.69
N ASN B 364 1.15 12.27 41.39
CA ASN B 364 1.06 11.69 40.04
C ASN B 364 2.34 10.93 39.67
N LYS B 365 2.65 9.93 40.48
CA LYS B 365 3.89 9.19 40.35
C LYS B 365 3.62 7.71 40.50
N PRO B 366 4.38 6.88 39.81
CA PRO B 366 4.25 5.42 39.99
C PRO B 366 4.78 5.01 41.36
N GLY B 367 4.44 3.78 41.74
CA GLY B 367 5.04 3.17 42.92
C GLY B 367 6.37 2.50 42.58
N LEU B 368 6.63 1.36 43.21
CA LEU B 368 7.87 0.62 43.01
C LEU B 368 7.64 -0.84 43.38
N LEU B 369 8.10 -1.76 42.53
CA LEU B 369 7.83 -3.18 42.66
C LEU B 369 9.13 -3.98 42.55
N LEU B 370 9.15 -5.16 43.17
CA LEU B 370 10.23 -6.11 43.04
C LEU B 370 9.71 -7.37 42.34
N VAL B 371 10.36 -7.77 41.26
CA VAL B 371 9.93 -8.92 40.46
C VAL B 371 10.91 -10.05 40.68
N LYS B 372 10.38 -11.24 40.95
CA LYS B 372 11.17 -12.44 41.19
C LYS B 372 10.74 -13.52 40.22
N GLY B 373 11.70 -14.12 39.54
CA GLY B 373 11.38 -15.17 38.59
C GLY B 373 12.58 -16.06 38.38
N HIS B 374 12.46 -16.94 37.39
CA HIS B 374 13.54 -17.88 37.09
C HIS B 374 13.59 -18.19 35.59
N TYR B 375 14.79 -18.54 35.12
CA TYR B 375 15.06 -18.96 33.75
C TYR B 375 14.93 -20.48 33.61
N THR B 376 14.75 -20.94 32.36
CA THR B 376 14.49 -22.36 32.13
C THR B 376 15.65 -23.27 32.56
N ASP B 377 16.90 -22.77 32.55
CA ASP B 377 18.00 -23.59 33.05
C ASP B 377 17.83 -23.87 34.54
N GLY B 378 17.38 -22.86 35.30
CA GLY B 378 17.24 -22.94 36.74
C GLY B 378 17.62 -21.65 37.43
N LYS B 379 18.46 -20.84 36.79
CA LYS B 379 18.94 -19.57 37.33
C LYS B 379 17.77 -18.66 37.71
N LYS B 380 18.07 -17.59 38.45
CA LYS B 380 17.06 -16.73 39.04
C LYS B 380 17.04 -15.34 38.39
N PHE B 381 15.89 -14.69 38.51
CA PHE B 381 15.68 -13.32 38.05
C PHE B 381 15.19 -12.50 39.25
N GLU B 382 15.78 -11.32 39.45
CA GLU B 382 15.32 -10.43 40.52
C GLU B 382 15.70 -9.00 40.16
N GLU B 383 14.70 -8.11 40.08
CA GLU B 383 14.94 -6.73 39.66
C GLU B 383 13.75 -5.87 40.07
N GLU B 384 14.03 -4.60 40.37
CA GLU B 384 12.97 -3.66 40.67
C GLU B 384 12.50 -2.98 39.39
N PHE B 385 11.23 -2.60 39.37
CA PHE B 385 10.60 -1.86 38.28
C PHE B 385 9.55 -0.93 38.87
N GLU B 386 9.32 0.20 38.21
CA GLU B 386 8.26 1.09 38.66
C GLU B 386 6.87 0.60 38.22
N THR B 387 6.75 0.06 37.01
CA THR B 387 5.49 -0.45 36.47
C THR B 387 5.71 -1.86 35.91
N VAL B 388 4.73 -2.76 36.12
CA VAL B 388 4.78 -4.10 35.54
C VAL B 388 3.47 -4.32 34.78
N ILE B 389 3.57 -4.61 33.48
CA ILE B 389 2.41 -4.78 32.61
C ILE B 389 2.33 -6.24 32.18
N PHE B 390 1.18 -6.86 32.40
CA PHE B 390 0.93 -8.23 31.95
C PHE B 390 0.23 -8.20 30.60
N ALA B 391 0.83 -8.87 29.60
CA ALA B 391 0.16 -9.13 28.32
C ALA B 391 0.38 -10.62 27.98
N VAL B 392 -0.31 -11.48 28.72
CA VAL B 392 -0.15 -12.92 28.55
C VAL B 392 -1.44 -13.54 28.01
N GLY B 393 -2.23 -12.76 27.27
CA GLY B 393 -3.37 -13.29 26.55
C GLY B 393 -4.67 -12.69 27.01
N ARG B 394 -5.75 -13.10 26.33
CA ARG B 394 -7.09 -12.58 26.57
C ARG B 394 -8.09 -13.74 26.47
N GLU B 395 -9.19 -13.65 27.22
CA GLU B 395 -10.16 -14.74 27.21
C GLU B 395 -11.57 -14.18 27.35
N PRO B 396 -12.58 -14.89 26.85
CA PRO B 396 -13.97 -14.48 27.08
C PRO B 396 -14.42 -14.88 28.49
N GLN B 397 -15.59 -14.39 28.87
CA GLN B 397 -16.15 -14.70 30.18
C GLN B 397 -17.64 -15.01 30.02
N LEU B 398 -17.95 -16.08 29.30
CA LEU B 398 -19.33 -16.26 28.87
C LEU B 398 -20.22 -16.78 29.99
N SER B 399 -19.62 -17.36 31.04
CA SER B 399 -20.36 -17.64 32.28
C SER B 399 -21.18 -16.45 32.71
N LYS B 400 -20.62 -15.24 32.58
CA LYS B 400 -21.32 -14.02 32.99
C LYS B 400 -22.48 -13.69 32.05
N VAL B 401 -22.41 -14.12 30.80
CA VAL B 401 -23.25 -13.60 29.72
C VAL B 401 -24.38 -14.57 29.42
N LEU B 402 -24.11 -15.86 29.61
CA LEU B 402 -24.91 -16.94 29.04
C LEU B 402 -25.30 -17.89 30.16
N CYS B 403 -26.60 -18.16 30.30
CA CYS B 403 -27.02 -19.17 31.25
C CYS B 403 -26.85 -20.55 30.62
N GLU B 404 -26.12 -21.42 31.30
CA GLU B 404 -25.83 -22.79 30.89
C GLU B 404 -27.03 -23.58 30.35
N THR B 405 -28.25 -23.27 30.80
CA THR B 405 -29.39 -24.07 30.41
C THR B 405 -29.96 -23.69 29.04
N VAL B 406 -29.60 -22.53 28.49
CA VAL B 406 -30.12 -22.12 27.18
C VAL B 406 -29.67 -23.09 26.09
N GLY B 407 -28.50 -23.68 26.23
CA GLY B 407 -28.05 -24.68 25.28
C GLY B 407 -27.06 -24.22 24.23
N VAL B 408 -26.40 -23.09 24.44
CA VAL B 408 -25.39 -22.60 23.48
C VAL B 408 -24.06 -23.30 23.76
N LYS B 409 -23.58 -24.06 22.78
CA LYS B 409 -22.35 -24.83 22.95
C LYS B 409 -21.09 -23.98 22.84
N LEU B 410 -20.21 -24.14 23.81
CA LEU B 410 -18.88 -23.54 23.85
C LEU B 410 -17.80 -24.60 23.58
N ASP B 411 -16.64 -24.14 23.15
CA ASP B 411 -15.51 -25.04 22.95
C ASP B 411 -14.70 -25.11 24.25
N LYS B 412 -13.54 -25.74 24.20
CA LYS B 412 -12.73 -25.94 25.40
C LYS B 412 -11.97 -24.71 25.84
N ASN B 413 -11.87 -23.68 24.98
CA ASN B 413 -11.32 -22.39 25.40
C ASN B 413 -12.38 -21.44 25.92
N GLY B 414 -13.66 -21.80 25.85
CA GLY B 414 -14.71 -20.91 26.27
C GLY B 414 -15.32 -20.07 25.18
N ARG B 415 -15.08 -20.39 23.92
CA ARG B 415 -15.60 -19.63 22.80
C ARG B 415 -16.75 -20.39 22.12
N VAL B 416 -17.60 -19.63 21.42
CA VAL B 416 -18.86 -20.16 20.90
C VAL B 416 -18.61 -20.88 19.58
N VAL B 417 -19.11 -22.11 19.48
CA VAL B 417 -19.03 -22.92 18.27
C VAL B 417 -20.14 -22.48 17.31
N CYS B 418 -19.78 -22.04 16.10
CA CYS B 418 -20.76 -21.50 15.17
C CYS B 418 -20.68 -22.20 13.83
N THR B 419 -21.75 -22.11 13.05
CA THR B 419 -21.69 -22.53 11.65
C THR B 419 -20.99 -21.44 10.83
N ASP B 420 -20.91 -21.63 9.51
CA ASP B 420 -20.25 -20.64 8.66
C ASP B 420 -21.08 -19.38 8.43
N ASP B 421 -22.29 -19.32 8.99
CA ASP B 421 -23.11 -18.12 8.94
C ASP B 421 -23.33 -17.53 10.33
N GLU B 422 -22.43 -17.82 11.27
CA GLU B 422 -22.41 -17.35 12.65
C GLU B 422 -23.55 -17.90 13.54
N GLN B 423 -24.27 -18.94 13.12
CA GLN B 423 -25.36 -19.46 13.96
C GLN B 423 -24.82 -20.33 15.11
N THR B 424 -25.38 -20.16 16.30
CA THR B 424 -25.01 -21.04 17.40
C THR B 424 -25.83 -22.33 17.34
N THR B 425 -25.63 -23.22 18.33
CA THR B 425 -26.46 -24.41 18.48
C THR B 425 -27.91 -24.10 18.91
N VAL B 426 -28.25 -22.83 19.11
CA VAL B 426 -29.63 -22.38 19.35
C VAL B 426 -30.02 -21.50 18.17
N SER B 427 -31.06 -21.91 17.44
CA SER B 427 -31.27 -21.50 16.05
C SER B 427 -31.44 -19.98 15.87
N ASN B 428 -31.90 -19.26 16.89
CA ASN B 428 -32.17 -17.82 16.77
C ASN B 428 -31.05 -16.96 17.36
N VAL B 429 -30.00 -17.59 17.89
CA VAL B 429 -28.92 -16.92 18.60
C VAL B 429 -27.66 -17.05 17.73
N TYR B 430 -26.96 -15.93 17.51
CA TYR B 430 -25.73 -15.91 16.71
C TYR B 430 -24.59 -15.32 17.53
N ALA B 431 -23.36 -15.50 17.06
CA ALA B 431 -22.19 -14.93 17.76
C ALA B 431 -21.20 -14.38 16.73
N ILE B 432 -20.61 -13.21 17.04
CA ILE B 432 -19.69 -12.52 16.15
C ILE B 432 -18.49 -11.99 16.92
N GLY B 433 -17.38 -11.78 16.21
CA GLY B 433 -16.24 -11.14 16.83
C GLY B 433 -15.31 -12.10 17.55
N ASP B 434 -14.65 -11.61 18.60
CA ASP B 434 -13.56 -12.34 19.23
C ASP B 434 -14.02 -13.65 19.89
N ILE B 435 -15.31 -13.78 20.22
CA ILE B 435 -15.84 -14.97 20.89
C ILE B 435 -16.31 -16.06 19.92
N ASN B 436 -16.32 -15.81 18.63
CA ASN B 436 -16.64 -16.81 17.62
C ASN B 436 -15.41 -17.72 17.49
N ALA B 437 -15.53 -18.98 17.92
CA ALA B 437 -14.39 -19.88 17.95
C ALA B 437 -13.77 -20.07 16.56
N GLY B 438 -12.42 -20.11 16.52
CA GLY B 438 -11.70 -20.38 15.31
C GLY B 438 -11.39 -19.20 14.39
N LYS B 439 -11.98 -18.04 14.63
CA LYS B 439 -11.89 -16.93 13.67
C LYS B 439 -10.78 -15.94 14.05
N PRO B 440 -10.25 -15.21 13.07
CA PRO B 440 -9.25 -14.17 13.39
C PRO B 440 -9.86 -13.11 14.29
N GLN B 441 -9.10 -12.69 15.29
CA GLN B 441 -9.62 -11.80 16.32
C GLN B 441 -9.16 -10.37 15.99
N LEU B 442 -9.86 -9.77 15.03
CA LEU B 442 -9.47 -8.48 14.46
C LEU B 442 -10.71 -7.61 14.30
N THR B 443 -10.55 -6.29 14.49
CA THR B 443 -11.69 -5.38 14.37
C THR B 443 -12.39 -5.40 13.01
N PRO B 444 -11.70 -5.29 11.87
CA PRO B 444 -12.43 -5.33 10.59
C PRO B 444 -13.15 -6.65 10.32
N VAL B 445 -12.69 -7.76 10.90
CA VAL B 445 -13.41 -9.03 10.75
C VAL B 445 -14.75 -8.97 11.48
N ALA B 446 -14.75 -8.46 12.71
CA ALA B 446 -15.98 -8.33 13.49
C ALA B 446 -17.00 -7.44 12.77
N ILE B 447 -16.54 -6.33 12.19
CA ILE B 447 -17.44 -5.40 11.50
C ILE B 447 -18.04 -6.04 10.25
N GLN B 448 -17.21 -6.68 9.43
CA GLN B 448 -17.72 -7.40 8.25
C GLN B 448 -18.70 -8.51 8.66
N ALA B 449 -18.34 -9.30 9.68
CA ALA B 449 -19.25 -10.36 10.14
C ALA B 449 -20.58 -9.79 10.62
N GLY B 450 -20.54 -8.73 11.45
CA GLY B 450 -21.77 -8.13 11.95
C GLY B 450 -22.63 -7.52 10.87
N ARG B 451 -22.02 -6.76 9.94
CA ARG B 451 -22.83 -6.14 8.89
C ARG B 451 -23.41 -7.19 7.95
N TYR B 452 -22.61 -8.19 7.58
CA TYR B 452 -23.11 -9.18 6.62
C TYR B 452 -24.23 -10.02 7.24
N LEU B 453 -24.11 -10.33 8.53
CA LEU B 453 -25.15 -11.11 9.21
C LEU B 453 -26.47 -10.35 9.24
N ALA B 454 -26.43 -9.06 9.60
CA ALA B 454 -27.64 -8.24 9.62
C ALA B 454 -28.33 -8.22 8.27
N ARG B 455 -27.56 -8.27 7.18
CA ARG B 455 -28.18 -8.27 5.86
C ARG B 455 -28.86 -9.60 5.56
N ARG B 456 -28.28 -10.71 6.03
CA ARG B 456 -28.92 -12.01 5.83
C ARG B 456 -30.21 -12.10 6.62
N LEU B 457 -30.21 -11.59 7.86
CA LEU B 457 -31.41 -11.72 8.71
C LEU B 457 -32.56 -10.83 8.24
N PHE B 458 -32.27 -9.61 7.82
CA PHE B 458 -33.35 -8.64 7.66
C PHE B 458 -33.54 -8.11 6.25
N ALA B 459 -32.68 -8.47 5.29
CA ALA B 459 -32.83 -7.97 3.93
C ALA B 459 -32.69 -9.05 2.87
N GLY B 460 -32.75 -10.33 3.25
CA GLY B 460 -32.70 -11.40 2.28
C GLY B 460 -31.38 -11.56 1.57
N ALA B 461 -30.29 -11.05 2.16
CA ALA B 461 -28.98 -11.24 1.57
C ALA B 461 -28.52 -12.68 1.76
N THR B 462 -27.60 -13.12 0.89
CA THR B 462 -26.98 -14.43 1.00
C THR B 462 -25.47 -14.41 1.27
N GLU B 463 -24.77 -13.30 1.00
CA GLU B 463 -23.32 -13.26 1.13
C GLU B 463 -22.84 -13.63 2.54
N LEU B 464 -21.85 -14.52 2.61
CA LEU B 464 -21.16 -14.90 3.84
C LEU B 464 -19.83 -14.15 3.99
N THR B 465 -19.38 -14.02 5.23
CA THR B 465 -18.03 -13.49 5.53
C THR B 465 -16.95 -14.51 5.15
N ASP B 466 -15.92 -14.05 4.46
CA ASP B 466 -14.78 -14.88 4.08
C ASP B 466 -13.67 -14.64 5.10
N TYR B 467 -13.31 -15.67 5.87
CA TYR B 467 -12.32 -15.53 6.93
C TYR B 467 -10.91 -15.98 6.52
N SER B 468 -10.67 -16.27 5.24
CA SER B 468 -9.38 -16.80 4.80
C SER B 468 -8.45 -15.69 4.30
N ASN B 469 -7.16 -15.86 4.57
CA ASN B 469 -6.09 -14.95 4.09
C ASN B 469 -6.36 -13.49 4.48
N VAL B 470 -6.76 -13.27 5.74
CA VAL B 470 -6.99 -11.92 6.23
C VAL B 470 -5.64 -11.31 6.62
N ALA B 471 -5.33 -10.15 6.03
CA ALA B 471 -4.04 -9.49 6.24
C ALA B 471 -3.94 -8.91 7.64
N THR B 472 -2.70 -8.73 8.14
CA THR B 472 -2.46 -8.21 9.48
C THR B 472 -1.27 -7.25 9.47
N THR B 473 -1.21 -6.38 10.48
CA THR B 473 0.00 -5.57 10.70
C THR B 473 0.25 -5.44 12.20
N VAL B 474 1.48 -5.70 12.60
CA VAL B 474 1.97 -5.52 13.95
C VAL B 474 2.70 -4.18 13.97
N PHE B 475 2.27 -3.25 14.81
CA PHE B 475 2.78 -1.88 14.83
C PHE B 475 3.89 -1.71 15.87
N THR B 476 4.91 -2.55 15.72
CA THR B 476 6.18 -2.41 16.44
C THR B 476 6.97 -1.23 15.85
N PRO B 477 8.00 -0.74 16.57
CA PRO B 477 8.77 0.43 16.08
C PRO B 477 9.16 0.34 14.60
N LEU B 478 9.63 -0.82 14.15
CA LEU B 478 9.61 -1.15 12.73
C LEU B 478 8.48 -2.16 12.52
N GLU B 479 7.48 -1.79 11.72
CA GLU B 479 6.22 -2.50 11.58
C GLU B 479 6.37 -3.74 10.68
N TYR B 480 5.48 -4.73 10.89
CA TYR B 480 5.52 -6.01 10.18
C TYR B 480 4.13 -6.33 9.64
N GLY B 481 3.99 -6.31 8.32
CA GLY B 481 2.75 -6.67 7.66
C GLY B 481 2.84 -8.05 7.04
N ALA B 482 1.71 -8.77 7.06
CA ALA B 482 1.65 -10.12 6.49
C ALA B 482 0.27 -10.42 5.92
N CYS B 483 0.23 -11.25 4.87
CA CYS B 483 -1.02 -11.80 4.35
C CYS B 483 -0.79 -13.24 3.89
N GLY B 484 -1.55 -14.18 4.44
CA GLY B 484 -1.44 -15.58 4.04
C GLY B 484 -0.59 -16.42 4.98
N LEU B 485 0.02 -17.50 4.48
CA LEU B 485 0.75 -18.46 5.32
C LEU B 485 2.15 -17.98 5.68
N SER B 486 2.58 -18.28 6.91
CA SER B 486 4.01 -18.22 7.22
C SER B 486 4.78 -19.21 6.35
N GLU B 487 6.10 -19.00 6.25
CA GLU B 487 6.94 -19.91 5.48
C GLU B 487 6.97 -21.32 6.09
N GLU B 488 6.98 -21.42 7.43
CA GLU B 488 7.00 -22.76 8.03
C GLU B 488 5.67 -23.49 7.84
N ASP B 489 4.53 -22.79 7.94
CA ASP B 489 3.24 -23.46 7.72
C ASP B 489 3.12 -23.97 6.29
N ALA B 490 3.63 -23.19 5.31
CA ALA B 490 3.57 -23.61 3.92
C ALA B 490 4.45 -24.83 3.67
N ILE B 491 5.66 -24.85 4.23
CA ILE B 491 6.53 -26.01 4.05
C ILE B 491 5.90 -27.25 4.64
N GLU B 492 5.30 -27.12 5.83
CA GLU B 492 4.68 -28.28 6.47
C GLU B 492 3.47 -28.76 5.69
N LYS B 493 2.70 -27.84 5.09
CA LYS B 493 1.51 -28.25 4.35
C LYS B 493 1.83 -28.90 3.01
N TYR B 494 2.88 -28.45 2.30
CA TYR B 494 3.12 -28.93 0.95
C TYR B 494 4.47 -29.61 0.72
N GLY B 495 5.38 -29.56 1.68
CA GLY B 495 6.71 -30.12 1.44
C GLY B 495 7.72 -29.10 0.96
N ASP B 496 8.95 -29.17 1.49
CA ASP B 496 10.00 -28.23 1.11
C ASP B 496 10.26 -28.21 -0.41
N LYS B 497 10.16 -29.35 -1.08
CA LYS B 497 10.49 -29.36 -2.49
C LYS B 497 9.47 -28.61 -3.35
N ASP B 498 8.23 -28.46 -2.87
CA ASP B 498 7.17 -27.75 -3.59
C ASP B 498 7.07 -26.25 -3.20
N ILE B 499 8.00 -25.71 -2.41
CA ILE B 499 7.94 -24.31 -1.95
C ILE B 499 9.14 -23.54 -2.49
N GLU B 500 8.88 -22.35 -3.05
CA GLU B 500 9.92 -21.42 -3.47
C GLU B 500 9.71 -20.08 -2.77
N VAL B 501 10.79 -19.51 -2.25
CA VAL B 501 10.75 -18.25 -1.52
C VAL B 501 11.65 -17.21 -2.19
N TYR B 502 11.05 -16.13 -2.67
CA TYR B 502 11.76 -14.97 -3.19
C TYR B 502 11.85 -13.90 -2.11
N HIS B 503 13.03 -13.28 -1.95
CA HIS B 503 13.17 -12.33 -0.84
C HIS B 503 14.22 -11.28 -1.19
N SER B 504 14.20 -10.18 -0.42
CA SER B 504 15.17 -9.10 -0.59
C SER B 504 15.17 -8.18 0.63
N ASN B 505 16.35 -7.68 0.99
CA ASN B 505 16.43 -6.50 1.83
C ASN B 505 16.09 -5.25 1.03
N PHE B 506 15.80 -4.16 1.75
CA PHE B 506 15.69 -2.86 1.10
C PHE B 506 15.98 -1.77 2.11
N LYS B 507 16.13 -0.56 1.59
CA LYS B 507 16.38 0.66 2.37
C LYS B 507 15.43 1.75 1.88
N PRO B 508 14.58 2.31 2.74
CA PRO B 508 13.71 3.40 2.29
C PRO B 508 14.54 4.59 1.86
N LEU B 509 14.11 5.27 0.79
CA LEU B 509 14.83 6.47 0.36
C LEU B 509 14.95 7.48 1.50
N GLU B 510 13.90 7.62 2.31
CA GLU B 510 13.90 8.56 3.44
C GLU B 510 15.02 8.28 4.43
N TRP B 511 15.48 7.03 4.52
CA TRP B 511 16.55 6.65 5.44
C TRP B 511 17.94 7.04 4.96
N THR B 512 18.11 7.44 3.69
CA THR B 512 19.46 7.65 3.15
C THR B 512 20.09 8.91 3.76
N VAL B 513 19.41 10.05 3.65
CA VAL B 513 19.97 11.29 4.18
C VAL B 513 19.94 11.27 5.72
N ALA B 514 18.99 10.54 6.31
CA ALA B 514 18.91 10.39 7.76
C ALA B 514 19.99 9.46 8.33
N HIS B 515 20.78 8.79 7.49
CA HIS B 515 21.85 7.88 7.94
C HIS B 515 21.31 6.70 8.76
N ARG B 516 20.18 6.13 8.34
CA ARG B 516 19.65 4.95 9.02
C ARG B 516 20.21 3.68 8.36
N GLU B 517 19.80 2.50 8.87
CA GLU B 517 20.46 1.23 8.56
C GLU B 517 20.15 0.72 7.14
N ASP B 518 21.17 0.10 6.52
CA ASP B 518 21.13 -0.34 5.12
C ASP B 518 20.32 -1.62 4.92
N ASN B 519 20.43 -2.60 5.83
CA ASN B 519 19.89 -3.93 5.57
C ASN B 519 19.08 -4.46 6.75
N VAL B 520 18.10 -3.71 7.26
CA VAL B 520 17.17 -4.23 8.26
C VAL B 520 15.78 -4.45 7.69
N CYS B 521 15.27 -3.53 6.86
CA CYS B 521 13.98 -3.79 6.22
C CYS B 521 14.11 -4.99 5.29
N TYR B 522 13.04 -5.77 5.16
CA TYR B 522 13.08 -7.09 4.54
C TYR B 522 11.69 -7.50 4.03
N MET B 523 11.65 -8.21 2.90
CA MET B 523 10.38 -8.73 2.40
C MET B 523 10.61 -10.08 1.72
N LYS B 524 9.54 -10.88 1.66
CA LYS B 524 9.59 -12.17 0.97
C LYS B 524 8.20 -12.57 0.46
N LEU B 525 8.20 -13.39 -0.59
CA LEU B 525 6.99 -14.05 -1.10
C LEU B 525 7.15 -15.57 -0.99
N VAL B 526 6.20 -16.24 -0.34
CA VAL B 526 6.23 -17.70 -0.18
C VAL B 526 5.26 -18.30 -1.21
N CYS B 527 5.78 -19.12 -2.13
CA CYS B 527 5.03 -19.58 -3.31
C CYS B 527 5.03 -21.10 -3.45
N ARG B 528 3.97 -21.62 -4.09
CA ARG B 528 3.82 -23.04 -4.42
C ARG B 528 4.20 -23.32 -5.86
N LYS B 529 5.29 -24.07 -6.05
CA LYS B 529 5.79 -24.38 -7.38
C LYS B 529 4.74 -25.08 -8.25
N SER B 530 4.19 -26.19 -7.76
CA SER B 530 3.32 -27.00 -8.59
C SER B 530 1.96 -26.37 -8.85
N ASP B 531 1.70 -25.17 -8.35
CA ASP B 531 0.46 -24.46 -8.68
C ASP B 531 0.75 -23.11 -9.33
N ASN B 532 1.50 -23.10 -10.44
CA ASN B 532 1.80 -21.88 -11.20
C ASN B 532 2.52 -20.82 -10.36
N MET B 533 3.22 -21.24 -9.31
CA MET B 533 3.98 -20.31 -8.44
C MET B 533 3.01 -19.37 -7.71
N ARG B 534 1.86 -19.93 -7.27
CA ARG B 534 0.83 -19.21 -6.51
C ARG B 534 1.45 -18.56 -5.27
N VAL B 535 1.06 -17.31 -5.00
CA VAL B 535 1.53 -16.64 -3.78
C VAL B 535 0.72 -17.15 -2.60
N LEU B 536 1.37 -17.90 -1.70
CA LEU B 536 0.76 -18.47 -0.51
C LEU B 536 0.82 -17.52 0.69
N GLY B 537 1.88 -16.73 0.80
CA GLY B 537 2.07 -15.79 1.90
C GLY B 537 2.98 -14.64 1.52
N LEU B 538 2.66 -13.43 1.99
CA LEU B 538 3.43 -12.22 1.74
C LEU B 538 3.85 -11.63 3.08
N HIS B 539 5.11 -11.15 3.17
CA HIS B 539 5.67 -10.67 4.45
C HIS B 539 6.55 -9.43 4.19
N VAL B 540 6.43 -8.39 5.03
CA VAL B 540 7.22 -7.17 4.85
C VAL B 540 7.49 -6.52 6.21
N LEU B 541 8.76 -6.25 6.47
CA LEU B 541 9.24 -5.56 7.67
C LEU B 541 9.74 -4.19 7.22
N GLY B 542 9.07 -3.11 7.64
CA GLY B 542 9.45 -1.78 7.21
C GLY B 542 8.47 -0.69 7.61
N PRO B 543 8.78 0.56 7.28
CA PRO B 543 7.87 1.65 7.60
C PRO B 543 6.59 1.55 6.78
N ASN B 544 5.48 1.96 7.40
CA ASN B 544 4.16 2.03 6.75
C ASN B 544 3.71 0.65 6.23
N ALA B 545 4.07 -0.42 6.97
CA ALA B 545 3.83 -1.79 6.50
C ALA B 545 2.34 -2.11 6.30
N GLY B 546 1.45 -1.53 7.11
CA GLY B 546 0.03 -1.74 6.89
C GLY B 546 -0.46 -1.11 5.60
N GLU B 547 0.00 0.11 5.28
CA GLU B 547 -0.32 0.71 3.98
C GLU B 547 0.23 -0.11 2.83
N ILE B 548 1.45 -0.64 2.98
CA ILE B 548 2.07 -1.44 1.93
C ILE B 548 1.29 -2.73 1.68
N THR B 549 0.98 -3.46 2.75
CA THR B 549 0.39 -4.81 2.63
C THR B 549 -1.04 -4.77 2.06
N GLN B 550 -1.85 -3.79 2.49
CA GLN B 550 -3.30 -3.87 2.30
C GLN B 550 -3.71 -4.21 0.86
N GLY B 551 -3.12 -3.50 -0.12
CA GLY B 551 -3.51 -3.68 -1.50
C GLY B 551 -3.15 -5.06 -2.06
N TYR B 552 -2.02 -5.64 -1.61
CA TYR B 552 -1.71 -6.98 -2.08
C TYR B 552 -2.72 -8.00 -1.58
N ALA B 553 -3.48 -7.69 -0.53
CA ALA B 553 -4.47 -8.64 -0.02
C ALA B 553 -5.58 -8.87 -1.03
N VAL B 554 -5.98 -7.85 -1.79
CA VAL B 554 -6.96 -8.09 -2.85
C VAL B 554 -6.40 -9.06 -3.90
N ALA B 555 -5.15 -8.87 -4.32
CA ALA B 555 -4.57 -9.74 -5.35
C ALA B 555 -4.43 -11.20 -4.87
N ILE B 556 -4.06 -11.37 -3.59
CA ILE B 556 -3.97 -12.71 -3.00
C ILE B 556 -5.36 -13.35 -2.89
N LYS B 557 -6.39 -12.55 -2.58
CA LYS B 557 -7.76 -13.06 -2.58
C LYS B 557 -8.16 -13.60 -3.94
N MET B 558 -7.80 -12.88 -5.01
CA MET B 558 -7.99 -13.27 -6.41
C MET B 558 -7.02 -14.33 -6.91
N GLY B 559 -6.11 -14.86 -6.09
CA GLY B 559 -5.24 -15.94 -6.52
C GLY B 559 -3.95 -15.54 -7.23
N ALA B 560 -3.31 -14.45 -6.81
CA ALA B 560 -2.14 -13.92 -7.50
C ALA B 560 -1.02 -14.97 -7.58
N THR B 561 -0.31 -14.98 -8.72
CA THR B 561 0.90 -15.78 -8.86
C THR B 561 2.11 -14.86 -8.88
N LYS B 562 3.30 -15.45 -8.79
CA LYS B 562 4.51 -14.66 -8.99
C LYS B 562 4.51 -13.96 -10.35
N ALA B 563 3.99 -14.61 -11.40
CA ALA B 563 3.95 -13.95 -12.70
C ALA B 563 3.11 -12.68 -12.65
N ASP B 564 2.02 -12.68 -11.86
CA ASP B 564 1.22 -11.45 -11.73
C ASP B 564 2.04 -10.33 -11.09
N PHE B 565 2.84 -10.64 -10.06
CA PHE B 565 3.69 -9.59 -9.47
C PHE B 565 4.75 -9.08 -10.46
N ASP B 566 5.34 -9.99 -11.25
CA ASP B 566 6.40 -9.61 -12.21
C ASP B 566 5.88 -8.71 -13.32
N ARG B 567 4.71 -9.02 -13.88
CA ARG B 567 4.21 -8.20 -14.99
C ARG B 567 3.59 -6.87 -14.55
N THR B 568 3.30 -6.69 -13.26
CA THR B 568 2.89 -5.38 -12.74
C THR B 568 4.15 -4.52 -12.56
N ILE B 569 4.02 -3.21 -12.85
CA ILE B 569 5.13 -2.26 -12.82
C ILE B 569 5.13 -1.52 -11.47
N GLY B 570 6.31 -1.21 -10.97
CA GLY B 570 6.40 -0.48 -9.72
C GLY B 570 6.15 1.03 -9.84
N ILE B 571 5.81 1.63 -8.69
CA ILE B 571 5.72 3.07 -8.49
C ILE B 571 7.00 3.55 -7.81
N HIS B 572 7.65 4.56 -8.40
CA HIS B 572 8.99 4.93 -7.92
C HIS B 572 9.03 6.41 -7.55
N PRO B 573 9.65 6.76 -6.40
CA PRO B 573 10.30 5.91 -5.39
C PRO B 573 9.38 5.52 -4.22
N THR B 574 9.14 4.22 -3.98
CA THR B 574 8.38 3.71 -2.83
C THR B 574 9.13 2.51 -2.25
N CYS B 575 8.79 2.15 -1.00
CA CYS B 575 9.23 0.85 -0.48
C CYS B 575 8.46 -0.30 -1.14
N SER B 576 7.18 -0.11 -1.40
CA SER B 576 6.35 -1.21 -1.89
C SER B 576 6.82 -1.75 -3.25
N GLU B 577 7.44 -0.91 -4.09
CA GLU B 577 7.80 -1.35 -5.45
C GLU B 577 8.80 -2.51 -5.46
N THR B 578 9.50 -2.75 -4.36
CA THR B 578 10.45 -3.85 -4.29
C THR B 578 9.77 -5.20 -4.55
N PHE B 579 8.46 -5.30 -4.27
CA PHE B 579 7.70 -6.54 -4.52
C PHE B 579 7.54 -6.83 -6.00
N THR B 580 7.64 -5.82 -6.87
CA THR B 580 7.41 -6.03 -8.30
C THR B 580 8.63 -6.58 -9.03
N THR B 581 9.81 -6.60 -8.39
CA THR B 581 11.04 -7.04 -9.05
C THR B 581 11.82 -8.08 -8.24
N LEU B 582 11.17 -8.87 -7.39
CA LEU B 582 11.93 -9.84 -6.61
C LEU B 582 12.47 -10.95 -7.52
N HIS B 583 13.61 -11.53 -7.14
CA HIS B 583 14.22 -12.54 -8.01
C HIS B 583 15.17 -13.49 -7.27
N VAL B 584 15.73 -13.07 -6.14
CA VAL B 584 16.62 -13.94 -5.35
C VAL B 584 15.77 -15.00 -4.66
N THR B 585 16.03 -16.28 -4.97
CA THR B 585 15.38 -17.37 -4.25
C THR B 585 16.24 -17.80 -3.06
N LYS B 586 15.59 -18.29 -2.00
CA LYS B 586 16.34 -18.86 -0.89
C LYS B 586 17.12 -20.10 -1.30
N LYS B 587 16.58 -20.92 -2.21
CA LYS B 587 17.31 -22.13 -2.58
C LYS B 587 18.62 -21.80 -3.30
N SER B 588 18.73 -20.62 -3.92
CA SER B 588 19.92 -20.28 -4.65
C SER B 588 21.11 -19.99 -3.75
N GLY B 589 20.87 -19.63 -2.49
CA GLY B 589 21.94 -19.27 -1.59
C GLY B 589 22.51 -17.87 -1.79
N VAL B 590 22.05 -17.13 -2.80
CA VAL B 590 22.57 -15.78 -3.07
C VAL B 590 22.10 -14.83 -1.97
N SER B 591 22.96 -13.89 -1.57
CA SER B 591 22.60 -12.96 -0.50
C SER B 591 21.42 -12.07 -0.89
N PRO B 592 20.56 -11.72 0.07
CA PRO B 592 19.48 -10.74 -0.20
C PRO B 592 19.84 -9.29 0.04
N ILE B 593 21.08 -8.95 0.45
CA ILE B 593 21.39 -7.58 0.86
C ILE B 593 21.46 -6.64 -0.34
N VAL B 594 21.53 -5.33 -0.05
CA VAL B 594 21.59 -4.30 -1.09
C VAL B 594 23.01 -3.71 -1.11
#